data_8UZP
#
_entry.id   8UZP
#
_cell.length_a   269.004
_cell.length_b   55.943
_cell.length_c   92.010
_cell.angle_alpha   90.000
_cell.angle_beta   90.597
_cell.angle_gamma   90.000
#
_symmetry.space_group_name_H-M   'C 1 2 1'
#
loop_
_entity.id
_entity.type
_entity.pdbx_description
1 polymer 'CR9114 Fab Heavy Chain'
2 polymer 'CR9114 Fab Light Chain'
3 polymer stem_mimetic_01
4 water water
#
loop_
_entity_poly.entity_id
_entity_poly.type
_entity_poly.pdbx_seq_one_letter_code
_entity_poly.pdbx_strand_id
1 'polypeptide(L)'
;QVQLVQSGAEVKKPGSSVKVSCKSSGGTSNNYAISWVRQAPGQGLDWMGGISPIFGSTAYAQKFQGRVTISADIFSNTAY
MELNSLTSEDTAVYFCARHGNYYYYSGMDVWGQGTTVTVSSASTKGPSVFPLAPSSKSTSGGTAALGCLVKDYFPEPVTV
SWNSGALTSGVHTFPAVLQSSGLYSLSSVVTVPSSSLGTQTYICNVNHKPSNTKVDKRVEPKSCDKGSENLYFQGSWSHP
QFEKGGGSGGGSGGGSWSHPQFEK
;
H,A
2 'polypeptide(L)'
;QSALTQPPAVSGTPGQRVTISCSGSDSNIGRRSVNWYQQFPGTAPKLLIYSNDQRPSVVPDRFSGSKSGTSASLAISGLQ
SEDEAEYYCAAWDDSLKGAVFGGGTQLTVLGQPKAAPSVTLFPPSSEELQANKATLVCLISDFYPGAVTVAWKADSSPVK
AGVETTTPSKQSNNKYAASSYLSLTPEQWKSHRSYSCQVTHEGSTVEKTVAPTECS
;
L,B
3 'polypeptide(L)'
;PEVTDQLEWQSNQPWEQALNRFWDYLRWVQTLSDQVQEELQSSQVTQELTALMEDTLTEAIAYMKELEEQLGPVAEETRL
KLTQNVIDAITNLVNDMAELRNRLGQYRNEVHTMLGQSTEEIRARLSTHLRKMRKRLMRDAEDVQKALAVYKAGASGSGW
HHHHHH
;
M,E
#
# COMPACT_ATOMS: atom_id res chain seq x y z
N GLN A 1 -18.71 -28.66 -17.93
CA GLN A 1 -18.17 -28.71 -16.58
C GLN A 1 -16.65 -28.58 -16.58
N VAL A 2 -16.12 -27.76 -17.48
CA VAL A 2 -14.71 -27.41 -17.42
C VAL A 2 -14.47 -26.53 -16.21
N GLN A 3 -13.40 -26.81 -15.47
CA GLN A 3 -13.09 -26.07 -14.25
C GLN A 3 -11.62 -25.69 -14.24
N LEU A 4 -11.35 -24.45 -13.80
CA LEU A 4 -9.98 -23.99 -13.62
C LEU A 4 -9.57 -24.26 -12.18
N VAL A 5 -8.48 -25.01 -12.00
CA VAL A 5 -7.95 -25.33 -10.69
C VAL A 5 -6.55 -24.75 -10.58
N GLN A 6 -6.30 -24.00 -9.51
CA GLN A 6 -5.05 -23.29 -9.31
C GLN A 6 -4.19 -23.98 -8.28
N SER A 7 -2.90 -23.63 -8.27
CA SER A 7 -1.96 -24.20 -7.32
C SER A 7 -2.24 -23.68 -5.91
N GLY A 8 -1.65 -24.34 -4.92
CA GLY A 8 -1.88 -24.03 -3.53
C GLY A 8 -1.31 -22.67 -3.12
N ALA A 9 -1.53 -22.35 -1.84
CA ALA A 9 -1.12 -21.05 -1.31
C ALA A 9 0.40 -20.93 -1.27
N GLU A 10 0.87 -19.69 -1.36
CA GLU A 10 2.29 -19.37 -1.40
C GLU A 10 2.63 -18.36 -0.32
N VAL A 11 3.74 -18.60 0.38
CA VAL A 11 4.26 -17.68 1.38
C VAL A 11 5.70 -17.38 1.01
N LYS A 12 5.97 -16.17 0.54
CA LYS A 12 7.28 -15.78 0.03
C LYS A 12 7.87 -14.65 0.86
N LYS A 13 9.19 -14.47 0.73
CA LYS A 13 9.95 -13.38 1.33
C LYS A 13 10.12 -12.26 0.31
N PRO A 14 10.27 -11.01 0.76
CA PRO A 14 10.47 -9.90 -0.19
C PRO A 14 11.74 -10.11 -1.00
N GLY A 15 11.61 -9.98 -2.32
CA GLY A 15 12.73 -10.11 -3.23
C GLY A 15 12.70 -11.38 -4.06
N SER A 16 11.88 -12.36 -3.70
CA SER A 16 11.81 -13.61 -4.44
C SER A 16 10.71 -13.51 -5.50
N SER A 17 10.47 -14.60 -6.21
CA SER A 17 9.45 -14.66 -7.25
C SER A 17 8.49 -15.79 -6.94
N VAL A 18 7.30 -15.71 -7.55
CA VAL A 18 6.26 -16.72 -7.37
C VAL A 18 5.77 -17.16 -8.74
N LYS A 19 5.36 -18.42 -8.84
CA LYS A 19 4.82 -18.99 -10.08
C LYS A 19 3.53 -19.71 -9.75
N VAL A 20 2.41 -19.19 -10.26
CA VAL A 20 1.09 -19.75 -10.05
C VAL A 20 0.64 -20.44 -11.34
N SER A 21 -0.03 -21.57 -11.19
CA SER A 21 -0.49 -22.36 -12.34
C SER A 21 -2.01 -22.41 -12.35
N CYS A 22 -2.54 -22.73 -13.53
CA CYS A 22 -3.99 -22.75 -13.75
C CYS A 22 -4.29 -23.88 -14.73
N LYS A 23 -4.84 -24.99 -14.23
CA LYS A 23 -5.10 -26.17 -15.03
C LYS A 23 -6.59 -26.28 -15.37
N SER A 24 -6.88 -26.61 -16.62
CA SER A 24 -8.25 -26.87 -17.06
C SER A 24 -8.55 -28.35 -16.89
N SER A 25 -9.58 -28.65 -16.08
CA SER A 25 -10.04 -30.01 -15.84
C SER A 25 -11.40 -30.21 -16.48
N GLY A 26 -11.57 -31.35 -17.14
CA GLY A 26 -12.83 -31.64 -17.81
C GLY A 26 -12.98 -30.98 -19.16
N GLY A 27 -11.90 -30.52 -19.76
CA GLY A 27 -11.96 -29.84 -21.04
C GLY A 27 -10.74 -28.99 -21.25
N THR A 28 -10.64 -28.45 -22.47
CA THR A 28 -9.51 -27.64 -22.89
C THR A 28 -9.93 -26.18 -22.98
N SER A 29 -9.02 -25.29 -22.58
CA SER A 29 -9.25 -23.85 -22.65
C SER A 29 -8.29 -23.17 -23.62
N ASN A 30 -7.64 -23.94 -24.49
CA ASN A 30 -6.67 -23.36 -25.41
C ASN A 30 -7.33 -22.40 -26.41
N ASN A 31 -8.55 -22.70 -26.83
CA ASN A 31 -9.26 -21.85 -27.78
C ASN A 31 -9.83 -20.59 -27.15
N TYR A 32 -9.63 -20.38 -25.86
CA TYR A 32 -10.10 -19.18 -25.16
C TYR A 32 -8.91 -18.38 -24.65
N ALA A 33 -9.22 -17.19 -24.14
CA ALA A 33 -8.23 -16.31 -23.53
C ALA A 33 -8.29 -16.45 -22.01
N ILE A 34 -7.14 -16.69 -21.39
CA ILE A 34 -7.01 -16.83 -19.95
C ILE A 34 -6.30 -15.59 -19.43
N SER A 35 -6.96 -14.84 -18.54
CA SER A 35 -6.36 -13.65 -17.95
C SER A 35 -6.19 -13.83 -16.45
N TRP A 36 -5.19 -13.16 -15.90
CA TRP A 36 -4.88 -13.22 -14.48
C TRP A 36 -5.31 -11.91 -13.83
N VAL A 37 -6.17 -12.01 -12.82
CA VAL A 37 -6.68 -10.85 -12.09
C VAL A 37 -6.32 -11.03 -10.63
N ARG A 38 -5.71 -10.01 -10.03
CA ARG A 38 -5.31 -10.08 -8.63
C ARG A 38 -6.16 -9.12 -7.81
N GLN A 39 -6.32 -9.46 -6.53
CA GLN A 39 -7.13 -8.67 -5.60
C GLN A 39 -6.38 -8.60 -4.28
N ALA A 40 -5.93 -7.39 -3.92
CA ALA A 40 -5.32 -7.19 -2.63
C ALA A 40 -6.38 -7.32 -1.53
N PRO A 41 -5.97 -7.69 -0.30
CA PRO A 41 -6.95 -7.82 0.78
C PRO A 41 -7.70 -6.52 1.06
N GLY A 42 -9.00 -6.51 0.82
CA GLY A 42 -9.82 -5.32 1.00
C GLY A 42 -9.90 -4.40 -0.19
N GLN A 43 -9.09 -4.62 -1.24
CA GLN A 43 -9.08 -3.78 -2.42
C GLN A 43 -9.88 -4.45 -3.54
N GLY A 44 -9.93 -3.77 -4.68
CA GLY A 44 -10.67 -4.25 -5.83
C GLY A 44 -9.84 -5.11 -6.75
N LEU A 45 -10.45 -5.49 -7.86
CA LEU A 45 -9.80 -6.33 -8.86
C LEU A 45 -8.80 -5.53 -9.67
N ASP A 46 -7.72 -6.21 -10.08
CA ASP A 46 -6.62 -5.58 -10.81
C ASP A 46 -6.16 -6.54 -11.89
N TRP A 47 -6.25 -6.12 -13.15
CA TRP A 47 -5.86 -6.96 -14.27
C TRP A 47 -4.35 -6.91 -14.45
N MET A 48 -3.73 -8.09 -14.50
CA MET A 48 -2.28 -8.21 -14.67
C MET A 48 -1.87 -8.52 -16.09
N GLY A 49 -2.62 -9.40 -16.76
CA GLY A 49 -2.29 -9.78 -18.12
C GLY A 49 -3.14 -10.96 -18.53
N GLY A 50 -2.80 -11.51 -19.68
CA GLY A 50 -3.57 -12.61 -20.24
C GLY A 50 -2.87 -13.21 -21.43
N ILE A 51 -3.39 -14.36 -21.86
CA ILE A 51 -2.78 -15.15 -22.92
C ILE A 51 -3.86 -16.00 -23.59
N SER A 52 -3.85 -15.99 -24.91
CA SER A 52 -4.56 -17.00 -25.71
C SER A 52 -3.51 -17.69 -26.56
N PRO A 53 -3.18 -18.95 -26.27
CA PRO A 53 -2.01 -19.56 -26.92
C PRO A 53 -2.26 -19.94 -28.37
N ILE A 54 -3.44 -20.45 -28.69
CA ILE A 54 -3.72 -20.85 -30.07
C ILE A 54 -3.77 -19.63 -30.97
N PHE A 55 -4.34 -18.53 -30.50
CA PHE A 55 -4.29 -17.28 -31.24
C PHE A 55 -2.93 -16.60 -31.13
N GLY A 56 -2.05 -17.09 -30.27
CA GLY A 56 -0.73 -16.53 -30.11
C GLY A 56 -0.75 -15.09 -29.67
N SER A 57 -1.28 -14.82 -28.49
CA SER A 57 -1.38 -13.44 -27.99
C SER A 57 -1.19 -13.44 -26.48
N THR A 58 -0.06 -12.89 -26.02
CA THR A 58 0.18 -12.69 -24.59
C THR A 58 0.28 -11.18 -24.35
N ALA A 59 -0.70 -10.64 -23.63
CA ALA A 59 -0.75 -9.21 -23.34
C ALA A 59 -0.53 -8.99 -21.84
N TYR A 60 0.07 -7.84 -21.52
CA TYR A 60 0.37 -7.50 -20.14
C TYR A 60 -0.17 -6.11 -19.81
N ALA A 61 -0.53 -5.92 -18.54
CA ALA A 61 -0.85 -4.59 -18.05
C ALA A 61 0.43 -3.78 -17.89
N GLN A 62 0.32 -2.47 -18.12
CA GLN A 62 1.50 -1.62 -18.09
C GLN A 62 2.14 -1.55 -16.71
N LYS A 63 1.38 -1.76 -15.64
CA LYS A 63 1.96 -1.74 -14.30
C LYS A 63 2.91 -2.92 -14.10
N PHE A 64 2.54 -4.10 -14.60
CA PHE A 64 3.26 -5.33 -14.28
C PHE A 64 4.16 -5.83 -15.39
N GLN A 65 4.19 -5.16 -16.55
CA GLN A 65 4.90 -5.72 -17.70
C GLN A 65 6.38 -5.98 -17.39
N GLY A 66 6.99 -5.11 -16.60
CA GLY A 66 8.39 -5.32 -16.26
C GLY A 66 8.64 -6.46 -15.29
N ARG A 67 7.60 -6.99 -14.66
CA ARG A 67 7.76 -8.00 -13.61
C ARG A 67 7.05 -9.31 -13.89
N VAL A 68 5.88 -9.28 -14.54
CA VAL A 68 5.07 -10.48 -14.71
C VAL A 68 5.42 -11.15 -16.03
N THR A 69 5.32 -12.47 -16.05
CA THR A 69 5.55 -13.28 -17.24
C THR A 69 4.45 -14.32 -17.31
N ILE A 70 3.63 -14.27 -18.36
CA ILE A 70 2.50 -15.16 -18.53
C ILE A 70 2.81 -16.10 -19.69
N SER A 71 2.58 -17.40 -19.48
CA SER A 71 2.89 -18.42 -20.48
C SER A 71 1.84 -19.52 -20.40
N ALA A 72 1.96 -20.49 -21.29
CA ALA A 72 0.99 -21.58 -21.33
C ALA A 72 1.62 -22.83 -21.95
N ASP A 73 1.31 -23.98 -21.36
CA ASP A 73 1.58 -25.28 -21.96
C ASP A 73 0.26 -25.80 -22.51
N ILE A 74 0.15 -25.89 -23.83
CA ILE A 74 -1.09 -26.29 -24.46
C ILE A 74 -1.31 -27.80 -24.36
N PHE A 75 -0.23 -28.59 -24.32
CA PHE A 75 -0.40 -30.04 -24.31
C PHE A 75 -0.87 -30.55 -22.95
N SER A 76 -0.58 -29.82 -21.88
CA SER A 76 -1.09 -30.14 -20.56
C SER A 76 -2.26 -29.25 -20.15
N ASN A 77 -2.73 -28.38 -21.04
CA ASN A 77 -3.88 -27.51 -20.79
C ASN A 77 -3.68 -26.67 -19.53
N THR A 78 -2.52 -26.02 -19.44
CA THR A 78 -2.17 -25.25 -18.26
C THR A 78 -1.67 -23.87 -18.64
N ALA A 79 -2.02 -22.88 -17.84
CA ALA A 79 -1.47 -21.54 -17.95
C ALA A 79 -0.63 -21.25 -16.73
N TYR A 80 0.29 -20.30 -16.86
CA TYR A 80 1.22 -19.97 -15.79
C TYR A 80 1.41 -18.46 -15.73
N MET A 81 1.48 -17.95 -14.50
CA MET A 81 1.85 -16.56 -14.25
C MET A 81 3.01 -16.53 -13.27
N GLU A 82 4.09 -15.85 -13.63
CA GLU A 82 5.25 -15.73 -12.76
C GLU A 82 5.46 -14.25 -12.44
N LEU A 83 5.38 -13.92 -11.16
CA LEU A 83 5.58 -12.54 -10.69
C LEU A 83 6.93 -12.44 -9.99
N ASN A 84 7.77 -11.53 -10.45
CA ASN A 84 9.12 -11.37 -9.94
C ASN A 84 9.23 -10.09 -9.11
N SER A 85 10.32 -10.01 -8.33
CA SER A 85 10.60 -8.87 -7.47
C SER A 85 9.45 -8.61 -6.49
N LEU A 86 9.05 -9.67 -5.78
CA LEU A 86 7.94 -9.55 -4.85
C LEU A 86 8.28 -8.63 -3.70
N THR A 87 7.32 -7.78 -3.32
CA THR A 87 7.40 -6.97 -2.12
C THR A 87 6.15 -7.19 -1.29
N SER A 88 6.10 -6.57 -0.12
CA SER A 88 4.93 -6.66 0.73
C SER A 88 3.68 -6.17 0.03
N GLU A 89 3.82 -5.27 -0.96
CA GLU A 89 2.69 -4.72 -1.68
C GLU A 89 2.03 -5.72 -2.64
N ASP A 90 2.55 -6.94 -2.76
CA ASP A 90 2.02 -7.91 -3.70
C ASP A 90 1.24 -9.03 -3.04
N THR A 91 1.07 -9.01 -1.71
CA THR A 91 0.22 -9.99 -1.05
C THR A 91 -1.21 -9.81 -1.51
N ALA A 92 -1.79 -10.85 -2.10
CA ALA A 92 -3.11 -10.72 -2.71
C ALA A 92 -3.66 -12.12 -2.96
N VAL A 93 -4.81 -12.18 -3.63
CA VAL A 93 -5.36 -13.40 -4.16
C VAL A 93 -5.36 -13.30 -5.67
N TYR A 94 -4.83 -14.32 -6.34
CA TYR A 94 -4.65 -14.33 -7.78
C TYR A 94 -5.62 -15.33 -8.40
N PHE A 95 -6.53 -14.83 -9.24
CA PHE A 95 -7.47 -15.65 -9.96
C PHE A 95 -7.05 -15.74 -11.43
N CYS A 96 -7.24 -16.92 -12.02
CA CYS A 96 -7.22 -17.06 -13.47
C CYS A 96 -8.66 -17.18 -13.95
N ALA A 97 -9.00 -16.43 -14.99
CA ALA A 97 -10.35 -16.38 -15.50
C ALA A 97 -10.33 -16.58 -17.02
N ARG A 98 -11.31 -17.31 -17.53
CA ARG A 98 -11.39 -17.62 -18.95
C ARG A 98 -12.43 -16.73 -19.62
N HIS A 99 -12.03 -16.06 -20.69
CA HIS A 99 -12.95 -15.21 -21.42
C HIS A 99 -13.91 -16.04 -22.27
N GLY A 100 -14.90 -15.36 -22.86
CA GLY A 100 -15.89 -16.03 -23.68
C GLY A 100 -15.44 -16.37 -25.07
N ASN A 101 -14.37 -15.74 -25.55
CA ASN A 101 -13.82 -16.02 -26.88
C ASN A 101 -12.30 -16.05 -26.77
N TYR A 102 -11.63 -16.01 -27.92
CA TYR A 102 -10.18 -16.12 -27.96
C TYR A 102 -9.45 -14.85 -27.53
N TYR A 103 -10.16 -13.76 -27.25
CA TYR A 103 -9.53 -12.50 -26.91
C TYR A 103 -10.08 -11.98 -25.58
N TYR A 104 -9.51 -10.86 -25.12
CA TYR A 104 -9.76 -10.35 -23.77
C TYR A 104 -10.90 -9.35 -23.70
N TYR A 105 -11.64 -9.12 -24.80
CA TYR A 105 -12.75 -8.18 -24.73
C TYR A 105 -13.96 -8.78 -24.05
N SER A 106 -14.23 -10.06 -24.27
CA SER A 106 -15.42 -10.70 -23.75
C SER A 106 -15.34 -10.85 -22.23
N GLY A 107 -16.48 -11.18 -21.63
CA GLY A 107 -16.53 -11.36 -20.20
C GLY A 107 -15.87 -12.66 -19.76
N MET A 108 -15.45 -12.67 -18.50
CA MET A 108 -14.75 -13.80 -17.90
C MET A 108 -15.78 -14.62 -17.13
N ASP A 109 -16.20 -15.75 -17.70
CA ASP A 109 -17.32 -16.51 -17.17
C ASP A 109 -16.91 -17.76 -16.40
N VAL A 110 -15.67 -18.20 -16.51
CA VAL A 110 -15.19 -19.38 -15.78
C VAL A 110 -13.99 -18.96 -14.95
N TRP A 111 -14.08 -19.13 -13.64
CA TRP A 111 -13.05 -18.65 -12.72
C TRP A 111 -12.48 -19.81 -11.90
N GLY A 112 -11.19 -19.70 -11.58
CA GLY A 112 -10.56 -20.61 -10.66
C GLY A 112 -10.84 -20.22 -9.23
N GLN A 113 -10.36 -21.05 -8.30
CA GLN A 113 -10.64 -20.82 -6.90
C GLN A 113 -9.77 -19.73 -6.29
N GLY A 114 -8.69 -19.36 -6.93
CA GLY A 114 -7.80 -18.34 -6.43
C GLY A 114 -6.63 -18.92 -5.67
N THR A 115 -5.48 -18.24 -5.77
CA THR A 115 -4.25 -18.61 -5.07
C THR A 115 -3.87 -17.45 -4.15
N THR A 116 -3.72 -17.74 -2.87
CA THR A 116 -3.33 -16.71 -1.90
C THR A 116 -1.81 -16.62 -1.86
N VAL A 117 -1.29 -15.43 -2.18
CA VAL A 117 0.15 -15.18 -2.16
C VAL A 117 0.43 -14.15 -1.08
N THR A 118 1.16 -14.56 -0.06
CA THR A 118 1.52 -13.71 1.08
C THR A 118 3.01 -13.45 1.05
N VAL A 119 3.39 -12.19 0.88
CA VAL A 119 4.79 -11.76 0.85
C VAL A 119 5.05 -10.98 2.14
N SER A 120 5.94 -11.50 2.97
CA SER A 120 6.22 -10.87 4.25
C SER A 120 7.65 -11.17 4.67
N SER A 121 8.24 -10.24 5.43
CA SER A 121 9.57 -10.43 5.96
C SER A 121 9.61 -11.33 7.19
N ALA A 122 8.45 -11.66 7.76
CA ALA A 122 8.41 -12.49 8.95
C ALA A 122 8.79 -13.93 8.61
N SER A 123 9.52 -14.56 9.52
CA SER A 123 9.89 -15.97 9.36
C SER A 123 8.87 -16.86 10.06
N THR A 124 8.90 -18.14 9.70
CA THR A 124 7.96 -19.10 10.28
C THR A 124 8.19 -19.23 11.77
N LYS A 125 7.12 -19.06 12.55
CA LYS A 125 7.18 -19.17 13.99
C LYS A 125 5.99 -19.96 14.51
N GLY A 126 6.25 -20.93 15.37
CA GLY A 126 5.19 -21.69 16.00
C GLY A 126 4.41 -20.85 16.98
N PRO A 127 3.15 -21.20 17.21
CA PRO A 127 2.31 -20.41 18.10
C PRO A 127 2.61 -20.65 19.56
N SER A 128 2.20 -19.70 20.39
CA SER A 128 2.20 -19.84 21.84
C SER A 128 0.75 -19.92 22.30
N VAL A 129 0.40 -20.98 23.02
CA VAL A 129 -0.97 -21.24 23.45
C VAL A 129 -1.07 -20.93 24.94
N PHE A 130 -1.99 -20.03 25.30
CA PHE A 130 -2.21 -19.68 26.69
C PHE A 130 -3.68 -19.85 27.04
N PRO A 131 -3.99 -20.38 28.22
CA PRO A 131 -5.39 -20.56 28.60
C PRO A 131 -5.99 -19.26 29.12
N LEU A 132 -7.19 -18.94 28.65
CA LEU A 132 -8.00 -17.84 29.16
C LEU A 132 -9.06 -18.46 30.05
N ALA A 133 -8.88 -18.33 31.37
CA ALA A 133 -9.70 -18.93 32.39
C ALA A 133 -10.95 -18.10 32.66
N PRO A 134 -12.08 -18.75 33.00
CA PRO A 134 -13.30 -18.02 33.37
C PRO A 134 -13.18 -17.33 34.72
N GLY A 142 -25.24 -18.98 35.96
CA GLY A 142 -25.56 -18.63 34.58
C GLY A 142 -24.61 -19.24 33.56
N THR A 143 -23.84 -18.40 32.90
CA THR A 143 -22.93 -18.84 31.83
C THR A 143 -21.57 -18.18 32.01
N ALA A 144 -20.53 -18.93 31.67
CA ALA A 144 -19.15 -18.47 31.73
C ALA A 144 -18.50 -18.58 30.35
N ALA A 145 -17.41 -17.84 30.17
CA ALA A 145 -16.69 -17.82 28.90
C ALA A 145 -15.22 -18.13 29.17
N LEU A 146 -14.79 -19.31 28.72
CA LEU A 146 -13.39 -19.70 28.81
C LEU A 146 -12.82 -19.69 27.40
N GLY A 147 -11.54 -20.03 27.27
CA GLY A 147 -10.97 -20.15 25.95
C GLY A 147 -9.47 -20.30 25.99
N CYS A 148 -8.87 -20.14 24.81
CA CYS A 148 -7.41 -20.13 24.70
C CYS A 148 -6.98 -19.12 23.64
N LEU A 149 -5.85 -18.47 23.92
CA LEU A 149 -5.25 -17.48 23.05
C LEU A 149 -4.05 -18.10 22.34
N VAL A 150 -4.03 -17.96 21.02
CA VAL A 150 -2.93 -18.41 20.17
C VAL A 150 -2.19 -17.17 19.70
N LYS A 151 -0.93 -17.04 20.12
CA LYS A 151 -0.20 -15.79 20.02
C LYS A 151 1.09 -15.97 19.23
N ASP A 152 1.40 -14.98 18.37
CA ASP A 152 2.72 -14.84 17.75
C ASP A 152 3.08 -16.07 16.90
N TYR A 153 2.29 -16.28 15.85
CA TYR A 153 2.55 -17.36 14.90
C TYR A 153 2.54 -16.79 13.48
N PHE A 154 3.26 -17.48 12.59
CA PHE A 154 3.33 -17.14 11.18
C PHE A 154 3.77 -18.37 10.41
N PRO A 155 3.18 -18.66 9.24
CA PRO A 155 2.08 -17.90 8.63
C PRO A 155 0.73 -18.53 8.95
N GLU A 156 -0.32 -17.98 8.33
CA GLU A 156 -1.63 -18.59 8.43
C GLU A 156 -1.64 -19.94 7.70
N PRO A 157 -2.52 -20.87 8.10
CA PRO A 157 -3.48 -20.77 9.21
C PRO A 157 -3.14 -21.65 10.41
N VAL A 158 -3.95 -21.55 11.46
CA VAL A 158 -3.93 -22.47 12.59
C VAL A 158 -5.36 -22.97 12.79
N THR A 159 -5.49 -24.25 13.16
CA THR A 159 -6.79 -24.85 13.43
C THR A 159 -6.94 -25.04 14.93
N VAL A 160 -8.09 -24.65 15.47
CA VAL A 160 -8.37 -24.76 16.90
C VAL A 160 -9.62 -25.60 17.08
N SER A 161 -9.47 -26.73 17.76
CA SER A 161 -10.59 -27.59 18.11
C SER A 161 -10.71 -27.67 19.63
N TRP A 162 -11.80 -28.26 20.10
CA TRP A 162 -12.05 -28.37 21.53
C TRP A 162 -12.47 -29.79 21.86
N ASN A 163 -11.83 -30.37 22.88
CA ASN A 163 -12.08 -31.75 23.29
C ASN A 163 -11.92 -32.71 22.11
N SER A 164 -10.93 -32.41 21.26
CA SER A 164 -10.64 -33.21 20.07
C SER A 164 -11.86 -33.29 19.15
N GLY A 165 -12.57 -32.17 19.00
CA GLY A 165 -13.70 -32.09 18.11
C GLY A 165 -15.04 -32.48 18.72
N ALA A 166 -15.03 -33.08 19.91
CA ALA A 166 -16.29 -33.51 20.52
C ALA A 166 -17.13 -32.32 20.97
N LEU A 167 -16.50 -31.23 21.39
CA LEU A 167 -17.19 -30.03 21.84
C LEU A 167 -17.21 -29.02 20.69
N THR A 168 -18.40 -28.75 20.17
CA THR A 168 -18.58 -27.76 19.12
C THR A 168 -19.67 -26.74 19.42
N SER A 169 -20.59 -27.02 20.33
CA SER A 169 -21.66 -26.09 20.66
C SER A 169 -21.13 -25.01 21.60
N GLY A 170 -21.32 -23.74 21.21
CA GLY A 170 -20.86 -22.63 22.00
C GLY A 170 -19.44 -22.17 21.70
N VAL A 171 -18.80 -22.72 20.68
CA VAL A 171 -17.43 -22.36 20.32
C VAL A 171 -17.46 -21.19 19.36
N HIS A 172 -16.53 -20.25 19.53
CA HIS A 172 -16.40 -19.10 18.65
C HIS A 172 -14.91 -18.80 18.52
N THR A 173 -14.36 -19.03 17.32
CA THR A 173 -12.96 -18.75 17.04
C THR A 173 -12.90 -17.47 16.22
N PHE A 174 -12.34 -16.41 16.82
CA PHE A 174 -12.30 -15.13 16.15
C PHE A 174 -11.26 -15.13 15.04
N PRO A 175 -11.51 -14.41 13.95
CA PRO A 175 -10.49 -14.25 12.91
C PRO A 175 -9.22 -13.66 13.49
N ALA A 176 -8.09 -14.22 13.06
CA ALA A 176 -6.79 -13.80 13.58
C ALA A 176 -6.49 -12.36 13.17
N VAL A 177 -5.69 -11.69 14.00
CA VAL A 177 -5.25 -10.33 13.72
C VAL A 177 -3.81 -10.38 13.26
N LEU A 178 -3.50 -9.61 12.21
CA LEU A 178 -2.13 -9.44 11.75
C LEU A 178 -1.53 -8.25 12.50
N GLN A 179 -0.66 -8.54 13.46
CA GLN A 179 -0.06 -7.49 14.27
C GLN A 179 0.97 -6.71 13.45
N SER A 180 1.47 -5.63 14.06
CA SER A 180 2.43 -4.76 13.37
C SER A 180 3.78 -5.45 13.20
N SER A 181 4.13 -6.37 14.10
CA SER A 181 5.39 -7.09 14.00
C SER A 181 5.43 -8.08 12.83
N GLY A 182 4.28 -8.37 12.23
CA GLY A 182 4.21 -9.34 11.15
C GLY A 182 3.70 -10.70 11.56
N LEU A 183 3.41 -10.90 12.84
CA LEU A 183 2.93 -12.17 13.37
C LEU A 183 1.42 -12.12 13.61
N TYR A 184 0.81 -13.30 13.62
CA TYR A 184 -0.63 -13.43 13.81
C TYR A 184 -0.98 -13.84 15.23
N SER A 185 -2.22 -13.55 15.62
CA SER A 185 -2.76 -13.99 16.89
C SER A 185 -4.26 -14.10 16.76
N LEU A 186 -4.83 -15.13 17.36
CA LEU A 186 -6.28 -15.26 17.45
C LEU A 186 -6.65 -15.80 18.82
N SER A 187 -7.95 -15.88 19.06
CA SER A 187 -8.49 -16.40 20.29
C SER A 187 -9.67 -17.29 19.97
N SER A 188 -9.85 -18.34 20.76
CA SER A 188 -11.03 -19.21 20.64
C SER A 188 -11.70 -19.25 22.00
N VAL A 189 -12.96 -18.85 22.04
CA VAL A 189 -13.71 -18.72 23.28
C VAL A 189 -14.90 -19.68 23.24
N VAL A 190 -15.11 -20.40 24.33
CA VAL A 190 -16.27 -21.25 24.51
C VAL A 190 -17.13 -20.67 25.63
N THR A 191 -18.41 -20.43 25.32
CA THR A 191 -19.39 -20.01 26.30
C THR A 191 -20.14 -21.25 26.77
N VAL A 192 -19.97 -21.59 28.04
CA VAL A 192 -20.50 -22.83 28.59
C VAL A 192 -21.38 -22.49 29.77
N PRO A 193 -22.27 -23.40 30.17
CA PRO A 193 -23.01 -23.19 31.42
C PRO A 193 -22.06 -23.25 32.61
N SER A 194 -22.28 -22.35 33.57
CA SER A 194 -21.41 -22.28 34.74
C SER A 194 -21.47 -23.54 35.59
N SER A 195 -22.46 -24.41 35.38
CA SER A 195 -22.52 -25.67 36.11
C SER A 195 -21.43 -26.62 35.66
N SER A 196 -21.28 -26.79 34.34
CA SER A 196 -20.30 -27.70 33.78
C SER A 196 -18.87 -27.37 34.23
N LEU A 197 -18.61 -26.12 34.60
CA LEU A 197 -17.29 -25.76 35.12
C LEU A 197 -16.85 -26.67 36.25
N GLY A 198 -17.81 -27.20 37.02
CA GLY A 198 -17.45 -28.08 38.12
C GLY A 198 -17.11 -29.49 37.70
N THR A 199 -17.65 -29.96 36.58
CA THR A 199 -17.53 -31.37 36.19
C THR A 199 -16.85 -31.57 34.85
N GLN A 200 -17.11 -30.71 33.88
CA GLN A 200 -16.62 -30.94 32.52
C GLN A 200 -15.18 -30.46 32.37
N THR A 201 -14.35 -31.26 31.71
CA THR A 201 -12.98 -30.91 31.41
C THR A 201 -12.91 -30.28 30.03
N TYR A 202 -12.21 -29.15 29.92
CA TYR A 202 -12.13 -28.40 28.68
C TYR A 202 -10.68 -28.36 28.22
N ILE A 203 -10.43 -28.87 27.01
CA ILE A 203 -9.11 -28.92 26.42
C ILE A 203 -9.18 -28.28 25.04
N CYS A 204 -8.31 -27.32 24.79
CA CYS A 204 -8.21 -26.66 23.49
C CYS A 204 -7.01 -27.20 22.74
N ASN A 205 -7.23 -27.68 21.52
CA ASN A 205 -6.22 -28.31 20.70
C ASN A 205 -5.88 -27.38 19.54
N VAL A 206 -4.64 -26.91 19.49
CA VAL A 206 -4.17 -25.99 18.47
C VAL A 206 -3.20 -26.74 17.56
N ASN A 207 -3.36 -26.53 16.26
CA ASN A 207 -2.56 -27.21 15.25
C ASN A 207 -2.07 -26.18 14.24
N HIS A 208 -0.76 -26.04 14.13
CA HIS A 208 -0.11 -25.11 13.19
C HIS A 208 0.76 -25.95 12.27
N LYS A 209 0.22 -26.28 11.10
CA LYS A 209 0.89 -27.16 10.14
C LYS A 209 2.13 -26.52 9.52
N PRO A 210 2.13 -25.22 9.20
CA PRO A 210 3.36 -24.61 8.66
C PRO A 210 4.57 -24.76 9.57
N SER A 211 4.39 -24.77 10.89
CA SER A 211 5.49 -24.96 11.82
C SER A 211 5.49 -26.34 12.46
N ASN A 212 4.54 -27.20 12.10
CA ASN A 212 4.41 -28.54 12.67
C ASN A 212 4.34 -28.48 14.19
N THR A 213 3.43 -27.64 14.70
CA THR A 213 3.28 -27.45 16.14
C THR A 213 1.89 -27.92 16.55
N LYS A 214 1.85 -28.89 17.47
CA LYS A 214 0.61 -29.40 18.04
C LYS A 214 0.62 -29.11 19.53
N VAL A 215 -0.39 -28.42 20.02
CA VAL A 215 -0.49 -28.08 21.43
C VAL A 215 -1.87 -28.51 21.93
N ASP A 216 -1.90 -29.05 23.16
CA ASP A 216 -3.15 -29.43 23.83
C ASP A 216 -3.14 -28.75 25.20
N LYS A 217 -3.87 -27.65 25.33
CA LYS A 217 -3.86 -26.85 26.55
C LYS A 217 -5.15 -27.07 27.32
N ARG A 218 -5.03 -27.44 28.59
CA ARG A 218 -6.19 -27.58 29.47
C ARG A 218 -6.50 -26.24 30.11
N VAL A 219 -7.78 -25.87 30.11
CA VAL A 219 -8.24 -24.60 30.63
C VAL A 219 -8.97 -24.87 31.94
N GLU A 220 -8.39 -24.41 33.05
CA GLU A 220 -8.95 -24.63 34.37
C GLU A 220 -9.33 -23.30 35.00
N PRO A 221 -10.42 -23.27 35.79
CA PRO A 221 -10.77 -22.11 36.60
C PRO A 221 -9.70 -21.78 37.65
N SER B 2 -7.40 1.42 -12.33
CA SER B 2 -8.57 1.98 -11.66
C SER B 2 -9.10 3.20 -12.41
N ALA B 3 -9.35 3.05 -13.71
CA ALA B 3 -9.83 4.15 -14.53
C ALA B 3 -11.34 4.31 -14.50
N LEU B 4 -12.07 3.32 -14.00
CA LEU B 4 -13.52 3.39 -13.88
C LEU B 4 -13.90 3.74 -12.45
N THR B 5 -14.98 4.50 -12.30
CA THR B 5 -15.42 5.00 -11.01
C THR B 5 -16.78 4.42 -10.65
N GLN B 6 -16.90 3.90 -9.44
CA GLN B 6 -18.17 3.43 -8.90
C GLN B 6 -18.38 4.05 -7.52
N PRO B 7 -19.63 4.26 -7.12
CA PRO B 7 -19.91 4.59 -5.72
C PRO B 7 -19.50 3.43 -4.82
N PRO B 8 -18.76 3.71 -3.74
CA PRO B 8 -18.25 2.60 -2.92
C PRO B 8 -19.35 1.84 -2.18
N ALA B 9 -20.44 2.50 -1.77
CA ALA B 9 -21.48 1.85 -0.99
C ALA B 9 -22.85 2.17 -1.58
N VAL B 10 -23.73 1.17 -1.57
CA VAL B 10 -25.10 1.30 -2.08
C VAL B 10 -26.00 0.40 -1.25
N SER B 11 -27.11 0.95 -0.76
CA SER B 11 -28.02 0.23 0.10
C SER B 11 -29.41 0.17 -0.51
N GLY B 12 -30.25 -0.69 0.07
CA GLY B 12 -31.63 -0.84 -0.39
C GLY B 12 -32.41 -1.84 0.43
N THR B 13 -33.73 -1.63 0.53
CA THR B 13 -34.61 -2.52 1.26
C THR B 13 -35.04 -3.69 0.37
N PRO B 14 -35.38 -4.84 0.97
CA PRO B 14 -35.86 -5.97 0.15
C PRO B 14 -37.07 -5.59 -0.69
N GLY B 15 -37.09 -6.10 -1.92
CA GLY B 15 -38.10 -5.75 -2.90
C GLY B 15 -37.80 -4.52 -3.71
N GLN B 16 -36.96 -3.62 -3.19
CA GLN B 16 -36.63 -2.39 -3.90
C GLN B 16 -35.78 -2.70 -5.13
N ARG B 17 -35.75 -1.74 -6.07
CA ARG B 17 -34.87 -1.77 -7.22
C ARG B 17 -33.78 -0.74 -7.03
N VAL B 18 -32.52 -1.17 -7.15
CA VAL B 18 -31.37 -0.31 -6.91
C VAL B 18 -30.46 -0.34 -8.14
N THR B 19 -29.62 0.68 -8.26
CA THR B 19 -28.73 0.81 -9.41
C THR B 19 -27.31 1.12 -8.97
N ILE B 20 -26.35 0.58 -9.71
CA ILE B 20 -24.92 0.84 -9.54
C ILE B 20 -24.43 1.56 -10.79
N SER B 21 -23.78 2.70 -10.60
CA SER B 21 -23.29 3.51 -11.71
C SER B 21 -21.81 3.22 -11.94
N CYS B 22 -21.37 3.42 -13.18
CA CYS B 22 -19.99 3.15 -13.57
C CYS B 22 -19.63 4.14 -14.67
N SER B 23 -18.94 5.22 -14.29
CA SER B 23 -18.54 6.26 -15.24
C SER B 23 -17.09 6.05 -15.65
N GLY B 24 -16.83 6.21 -16.95
CA GLY B 24 -15.51 6.00 -17.50
C GLY B 24 -15.07 7.18 -18.34
N SER B 25 -14.22 6.88 -19.33
CA SER B 25 -13.68 7.91 -20.21
C SER B 25 -14.00 7.57 -21.67
N ASP B 26 -13.46 8.36 -22.59
CA ASP B 26 -13.66 8.11 -24.01
C ASP B 26 -12.81 6.95 -24.53
N SER B 27 -11.95 6.37 -23.69
CA SER B 27 -11.03 5.33 -24.13
C SER B 27 -11.34 3.96 -23.56
N ASN B 28 -12.22 3.86 -22.57
CA ASN B 28 -12.56 2.58 -21.97
C ASN B 28 -14.02 2.20 -22.19
N ILE B 29 -14.95 3.10 -21.91
CA ILE B 29 -16.37 2.82 -22.12
C ILE B 29 -16.89 3.48 -23.40
N GLY B 30 -16.25 4.53 -23.88
CA GLY B 30 -16.70 5.17 -25.10
C GLY B 30 -16.63 4.28 -26.32
N ARG B 31 -15.69 3.33 -26.34
CA ARG B 31 -15.48 2.48 -27.49
C ARG B 31 -15.58 0.99 -27.22
N ARG B 32 -15.51 0.56 -25.95
CA ARG B 32 -15.56 -0.85 -25.61
C ARG B 32 -16.80 -1.13 -24.76
N SER B 33 -17.20 -2.40 -24.76
CA SER B 33 -18.36 -2.81 -23.98
C SER B 33 -17.96 -3.06 -22.53
N VAL B 34 -18.93 -2.91 -21.64
CA VAL B 34 -18.73 -3.04 -20.20
C VAL B 34 -19.25 -4.39 -19.73
N ASN B 35 -18.51 -5.04 -18.84
CA ASN B 35 -18.94 -6.25 -18.16
C ASN B 35 -19.15 -5.96 -16.68
N TRP B 36 -20.01 -6.75 -16.05
CA TRP B 36 -20.33 -6.61 -14.63
C TRP B 36 -20.11 -7.95 -13.95
N TYR B 37 -19.36 -7.94 -12.86
CA TYR B 37 -19.06 -9.13 -12.07
C TYR B 37 -19.57 -8.93 -10.64
N GLN B 38 -20.00 -10.04 -10.05
CA GLN B 38 -20.47 -10.09 -8.67
C GLN B 38 -19.53 -10.97 -7.85
N GLN B 39 -19.19 -10.51 -6.65
CA GLN B 39 -18.25 -11.22 -5.78
C GLN B 39 -18.78 -11.25 -4.36
N PHE B 40 -18.90 -12.45 -3.80
CA PHE B 40 -19.25 -12.65 -2.41
C PHE B 40 -17.99 -12.74 -1.56
N PRO B 41 -18.09 -12.46 -0.26
CA PRO B 41 -16.91 -12.53 0.60
C PRO B 41 -16.28 -13.92 0.62
N GLY B 42 -15.03 -13.99 0.20
CA GLY B 42 -14.28 -15.23 0.24
C GLY B 42 -14.43 -16.14 -0.96
N THR B 43 -15.00 -15.64 -2.07
CA THR B 43 -15.25 -16.46 -3.25
C THR B 43 -14.79 -15.71 -4.50
N ALA B 44 -14.63 -16.46 -5.58
CA ALA B 44 -14.24 -15.89 -6.85
C ALA B 44 -15.38 -15.06 -7.44
N PRO B 45 -15.06 -14.03 -8.23
CA PRO B 45 -16.12 -13.26 -8.88
C PRO B 45 -16.89 -14.11 -9.87
N LYS B 46 -18.15 -13.73 -10.10
CA LYS B 46 -19.02 -14.39 -11.07
C LYS B 46 -19.41 -13.38 -12.15
N LEU B 47 -19.32 -13.79 -13.41
CA LEU B 47 -19.76 -12.93 -14.50
C LEU B 47 -21.27 -12.75 -14.41
N LEU B 48 -21.70 -11.50 -14.28
CA LEU B 48 -23.11 -11.15 -14.14
C LEU B 48 -23.71 -10.56 -15.39
N ILE B 49 -22.99 -9.68 -16.07
CA ILE B 49 -23.45 -9.03 -17.29
C ILE B 49 -22.28 -8.93 -18.26
N TYR B 50 -22.53 -9.19 -19.54
CA TYR B 50 -21.54 -8.93 -20.58
C TYR B 50 -22.20 -8.22 -21.75
N SER B 51 -21.38 -7.51 -22.54
CA SER B 51 -21.83 -6.67 -23.66
C SER B 51 -22.82 -5.61 -23.24
N ASN B 52 -22.78 -5.21 -21.97
CA ASN B 52 -23.56 -4.15 -21.34
C ASN B 52 -25.02 -4.50 -21.12
N ASP B 53 -25.54 -5.54 -21.76
CA ASP B 53 -26.94 -5.87 -21.56
C ASP B 53 -27.26 -7.37 -21.61
N GLN B 54 -26.27 -8.24 -21.75
CA GLN B 54 -26.52 -9.66 -21.91
C GLN B 54 -26.33 -10.38 -20.58
N ARG B 55 -27.23 -11.33 -20.30
CA ARG B 55 -27.13 -12.13 -19.09
C ARG B 55 -26.69 -13.54 -19.43
N PRO B 56 -25.76 -14.11 -18.66
CA PRO B 56 -25.55 -15.56 -18.72
C PRO B 56 -26.83 -16.31 -18.36
N SER B 57 -26.91 -17.56 -18.79
CA SER B 57 -28.13 -18.34 -18.62
C SER B 57 -28.50 -18.49 -17.15
N VAL B 58 -27.52 -18.54 -16.26
CA VAL B 58 -27.81 -18.77 -14.85
C VAL B 58 -28.18 -17.48 -14.11
N VAL B 59 -27.85 -16.32 -14.67
CA VAL B 59 -28.15 -15.04 -14.03
C VAL B 59 -29.64 -14.74 -14.19
N PRO B 60 -30.37 -14.51 -13.10
CA PRO B 60 -31.79 -14.18 -13.23
C PRO B 60 -31.99 -12.85 -13.92
N ASP B 61 -33.20 -12.68 -14.47
CA ASP B 61 -33.54 -11.43 -15.15
C ASP B 61 -33.72 -10.26 -14.20
N ARG B 62 -33.60 -10.47 -12.89
CA ARG B 62 -33.64 -9.35 -11.96
C ARG B 62 -32.47 -8.40 -12.18
N PHE B 63 -31.36 -8.90 -12.71
CA PHE B 63 -30.21 -8.08 -13.03
C PHE B 63 -30.28 -7.63 -14.48
N SER B 64 -30.13 -6.32 -14.71
CA SER B 64 -30.12 -5.78 -16.06
C SER B 64 -28.97 -4.78 -16.19
N GLY B 65 -28.54 -4.55 -17.43
CA GLY B 65 -27.46 -3.64 -17.69
C GLY B 65 -27.84 -2.62 -18.75
N SER B 66 -27.11 -1.51 -18.75
CA SER B 66 -27.31 -0.48 -19.75
C SER B 66 -26.02 0.31 -19.92
N LYS B 67 -25.85 0.88 -21.11
CA LYS B 67 -24.68 1.70 -21.42
C LYS B 67 -25.12 2.91 -22.21
N SER B 68 -24.67 4.09 -21.79
CA SER B 68 -25.00 5.35 -22.47
C SER B 68 -23.72 6.16 -22.57
N GLY B 69 -23.17 6.25 -23.78
CA GLY B 69 -22.00 7.07 -24.02
C GLY B 69 -20.81 6.66 -23.18
N THR B 70 -20.51 7.49 -22.18
CA THR B 70 -19.36 7.28 -21.31
C THR B 70 -19.71 6.51 -20.04
N SER B 71 -20.98 6.22 -19.79
CA SER B 71 -21.41 5.65 -18.52
C SER B 71 -22.07 4.30 -18.74
N ALA B 72 -22.14 3.52 -17.66
CA ALA B 72 -22.82 2.24 -17.64
C ALA B 72 -23.56 2.11 -16.32
N SER B 73 -24.59 1.27 -16.31
CA SER B 73 -25.46 1.16 -15.15
C SER B 73 -25.94 -0.28 -15.01
N LEU B 74 -25.81 -0.81 -13.80
CA LEU B 74 -26.37 -2.10 -13.44
C LEU B 74 -27.62 -1.86 -12.59
N ALA B 75 -28.67 -2.65 -12.84
CA ALA B 75 -29.94 -2.50 -12.15
C ALA B 75 -30.31 -3.83 -11.53
N ILE B 76 -30.44 -3.85 -10.20
CA ILE B 76 -30.85 -5.03 -9.45
C ILE B 76 -32.25 -4.74 -8.93
N SER B 77 -33.25 -5.40 -9.51
CA SER B 77 -34.63 -5.30 -9.07
C SER B 77 -34.98 -6.53 -8.24
N GLY B 78 -36.06 -6.41 -7.46
CA GLY B 78 -36.44 -7.47 -6.56
C GLY B 78 -35.32 -7.83 -5.61
N LEU B 79 -34.79 -6.81 -4.93
CA LEU B 79 -33.62 -6.99 -4.09
C LEU B 79 -33.88 -8.02 -3.00
N GLN B 80 -32.94 -8.95 -2.85
CA GLN B 80 -33.02 -9.99 -1.83
C GLN B 80 -31.79 -9.90 -0.92
N SER B 81 -31.85 -10.61 0.20
CA SER B 81 -30.72 -10.64 1.13
C SER B 81 -29.51 -11.34 0.52
N GLU B 82 -29.75 -12.27 -0.41
CA GLU B 82 -28.67 -12.98 -1.08
C GLU B 82 -27.81 -12.06 -1.95
N ASP B 83 -28.28 -10.86 -2.27
CA ASP B 83 -27.57 -9.96 -3.15
C ASP B 83 -26.53 -9.09 -2.45
N GLU B 84 -26.40 -9.21 -1.12
CA GLU B 84 -25.37 -8.47 -0.41
C GLU B 84 -24.00 -8.95 -0.86
N ALA B 85 -23.28 -8.13 -1.61
CA ALA B 85 -22.04 -8.57 -2.26
C ALA B 85 -21.28 -7.34 -2.73
N GLU B 86 -20.24 -7.55 -3.53
CA GLU B 86 -19.53 -6.46 -4.18
C GLU B 86 -19.68 -6.61 -5.68
N TYR B 87 -19.91 -5.47 -6.36
CA TYR B 87 -20.17 -5.45 -7.78
C TYR B 87 -19.11 -4.61 -8.47
N TYR B 88 -18.44 -5.22 -9.44
CA TYR B 88 -17.36 -4.57 -10.19
C TYR B 88 -17.77 -4.40 -11.65
N CYS B 89 -17.53 -3.22 -12.20
CA CYS B 89 -17.66 -3.01 -13.63
C CYS B 89 -16.27 -3.03 -14.26
N ALA B 90 -16.18 -3.59 -15.45
CA ALA B 90 -14.92 -3.79 -16.13
C ALA B 90 -15.08 -3.41 -17.60
N ALA B 91 -13.97 -2.98 -18.20
CA ALA B 91 -13.96 -2.64 -19.61
C ALA B 91 -12.52 -2.77 -20.11
N TRP B 92 -12.34 -2.49 -21.39
CA TRP B 92 -11.03 -2.45 -22.00
C TRP B 92 -10.68 -1.00 -22.32
N ASP B 93 -9.51 -0.55 -21.88
CA ASP B 93 -9.03 0.80 -22.15
C ASP B 93 -7.98 0.71 -23.25
N ASP B 94 -8.21 1.45 -24.35
CA ASP B 94 -7.24 1.50 -25.43
C ASP B 94 -6.07 2.43 -25.10
N SER B 95 -6.32 3.48 -24.33
CA SER B 95 -5.23 4.35 -23.90
C SER B 95 -4.23 3.61 -23.01
N LEU B 96 -4.74 2.73 -22.15
CA LEU B 96 -3.89 1.86 -21.34
C LEU B 96 -3.58 0.53 -22.02
N LYS B 97 -4.30 0.20 -23.10
CA LYS B 97 -4.15 -1.07 -23.79
C LYS B 97 -4.26 -2.24 -22.83
N GLY B 98 -5.35 -2.25 -22.06
CA GLY B 98 -5.53 -3.33 -21.09
C GLY B 98 -6.86 -3.23 -20.41
N ALA B 99 -7.18 -4.28 -19.64
CA ALA B 99 -8.44 -4.35 -18.94
C ALA B 99 -8.39 -3.49 -17.68
N VAL B 100 -9.50 -2.78 -17.43
CA VAL B 100 -9.63 -1.93 -16.26
C VAL B 100 -10.92 -2.29 -15.53
N PHE B 101 -10.88 -2.17 -14.20
CA PHE B 101 -12.01 -2.45 -13.33
C PHE B 101 -12.41 -1.19 -12.58
N GLY B 102 -13.58 -1.25 -11.95
CA GLY B 102 -14.01 -0.20 -11.05
C GLY B 102 -13.59 -0.47 -9.62
N GLY B 103 -13.78 0.54 -8.76
CA GLY B 103 -13.41 0.40 -7.37
C GLY B 103 -14.21 -0.64 -6.62
N GLY B 104 -15.36 -1.05 -7.17
CA GLY B 104 -16.22 -2.00 -6.50
C GLY B 104 -17.25 -1.34 -5.62
N THR B 105 -18.52 -1.75 -5.75
CA THR B 105 -19.61 -1.22 -4.97
C THR B 105 -20.11 -2.29 -4.00
N GLN B 106 -20.15 -1.97 -2.72
CA GLN B 106 -20.60 -2.91 -1.70
C GLN B 106 -22.11 -2.76 -1.53
N LEU B 107 -22.87 -3.64 -2.19
CA LEU B 107 -24.32 -3.64 -2.05
C LEU B 107 -24.71 -4.34 -0.76
N THR B 108 -25.31 -3.59 0.15
CA THR B 108 -25.86 -4.08 1.40
C THR B 108 -27.38 -3.93 1.38
N VAL B 109 -28.07 -4.87 2.03
CA VAL B 109 -29.52 -4.91 2.07
C VAL B 109 -29.97 -4.61 3.50
N LEU B 110 -30.79 -3.58 3.65
CA LEU B 110 -31.29 -3.18 4.95
C LEU B 110 -32.36 -4.16 5.43
N GLY B 111 -32.77 -3.99 6.69
CA GLY B 111 -33.79 -4.82 7.31
C GLY B 111 -33.33 -5.54 8.57
N GLN B 112 -32.05 -5.80 8.72
CA GLN B 112 -31.56 -6.47 9.92
C GLN B 112 -31.54 -5.50 11.09
N PRO B 113 -32.12 -5.86 12.23
CA PRO B 113 -32.16 -4.92 13.35
C PRO B 113 -30.79 -4.74 13.98
N LYS B 114 -30.56 -3.53 14.50
CA LYS B 114 -29.30 -3.24 15.17
C LYS B 114 -29.16 -4.10 16.43
N ALA B 115 -27.91 -4.37 16.80
CA ALA B 115 -27.61 -5.21 17.95
C ALA B 115 -26.42 -4.64 18.69
N ALA B 116 -26.56 -4.45 20.00
CA ALA B 116 -25.46 -3.97 20.80
C ALA B 116 -24.38 -5.05 20.90
N PRO B 117 -23.11 -4.66 20.96
CA PRO B 117 -22.04 -5.66 21.02
C PRO B 117 -21.92 -6.32 22.38
N SER B 118 -21.55 -7.59 22.36
CA SER B 118 -21.25 -8.36 23.56
C SER B 118 -19.75 -8.45 23.72
N VAL B 119 -19.24 -8.03 24.88
CA VAL B 119 -17.82 -7.85 25.11
C VAL B 119 -17.36 -8.81 26.20
N THR B 120 -16.20 -9.42 25.98
CA THR B 120 -15.55 -10.28 26.96
C THR B 120 -14.09 -9.86 27.08
N LEU B 121 -13.62 -9.64 28.30
CA LEU B 121 -12.25 -9.16 28.53
C LEU B 121 -11.50 -10.17 29.37
N PHE B 122 -10.38 -10.68 28.84
CA PHE B 122 -9.53 -11.65 29.50
C PHE B 122 -8.21 -11.01 29.89
N PRO B 123 -7.82 -11.11 31.16
CA PRO B 123 -6.52 -10.63 31.59
C PRO B 123 -5.44 -11.62 31.23
N PRO B 124 -4.16 -11.25 31.33
CA PRO B 124 -3.09 -12.18 30.98
C PRO B 124 -3.10 -13.40 31.90
N SER B 125 -2.86 -14.56 31.32
CA SER B 125 -2.83 -15.80 32.07
C SER B 125 -1.59 -15.87 32.97
N SER B 126 -1.62 -16.82 33.90
CA SER B 126 -0.47 -17.00 34.79
C SER B 126 0.75 -17.52 34.03
N GLU B 127 0.53 -18.44 33.08
CA GLU B 127 1.64 -18.99 32.32
C GLU B 127 2.31 -17.93 31.45
N GLU B 128 1.51 -17.05 30.83
CA GLU B 128 2.10 -15.97 30.04
C GLU B 128 2.92 -15.03 30.92
N LEU B 129 2.46 -14.81 32.16
CA LEU B 129 3.25 -14.00 33.09
C LEU B 129 4.54 -14.70 33.49
N GLN B 130 4.51 -16.04 33.62
CA GLN B 130 5.75 -16.78 33.81
C GLN B 130 6.67 -16.62 32.60
N ALA B 131 6.10 -16.45 31.42
CA ALA B 131 6.89 -16.20 30.21
C ALA B 131 7.29 -14.73 30.05
N ASN B 132 7.12 -13.91 31.09
CA ASN B 132 7.46 -12.48 31.05
C ASN B 132 6.76 -11.76 29.91
N LYS B 133 5.47 -12.05 29.72
CA LYS B 133 4.64 -11.40 28.74
C LYS B 133 3.28 -11.11 29.37
N ALA B 134 2.57 -10.12 28.81
CA ALA B 134 1.21 -9.84 29.24
C ALA B 134 0.39 -9.45 28.02
N THR B 135 -0.81 -10.03 27.89
CA THR B 135 -1.69 -9.75 26.76
C THR B 135 -3.12 -9.71 27.26
N LEU B 136 -3.73 -8.53 27.23
CA LEU B 136 -5.15 -8.38 27.49
C LEU B 136 -5.91 -8.63 26.20
N VAL B 137 -6.95 -9.46 26.28
CA VAL B 137 -7.73 -9.86 25.11
C VAL B 137 -9.15 -9.33 25.26
N CYS B 138 -9.64 -8.61 24.26
CA CYS B 138 -10.98 -8.04 24.28
C CYS B 138 -11.73 -8.55 23.06
N LEU B 139 -12.74 -9.38 23.27
CA LEU B 139 -13.50 -10.04 22.22
C LEU B 139 -14.88 -9.40 22.13
N ILE B 140 -15.22 -8.87 20.95
CA ILE B 140 -16.49 -8.21 20.70
C ILE B 140 -17.25 -9.05 19.69
N SER B 141 -18.51 -9.35 19.98
CA SER B 141 -19.25 -10.24 19.11
C SER B 141 -20.72 -9.82 19.06
N ASP B 142 -21.38 -10.21 17.96
CA ASP B 142 -22.84 -10.11 17.82
C ASP B 142 -23.32 -8.66 17.85
N PHE B 143 -22.76 -7.86 16.95
CA PHE B 143 -23.20 -6.48 16.77
C PHE B 143 -23.45 -6.22 15.30
N TYR B 144 -24.43 -5.35 15.03
CA TYR B 144 -24.77 -4.94 13.67
C TYR B 144 -25.20 -3.48 13.74
N PRO B 145 -24.72 -2.62 12.82
CA PRO B 145 -23.78 -2.97 11.75
C PRO B 145 -22.34 -3.14 12.24
N GLY B 146 -21.44 -3.53 11.35
CA GLY B 146 -20.05 -3.75 11.71
C GLY B 146 -19.23 -2.48 11.74
N ALA B 147 -19.43 -1.65 12.77
CA ALA B 147 -18.65 -0.42 12.91
C ALA B 147 -18.53 -0.13 14.41
N VAL B 148 -17.39 -0.53 15.00
CA VAL B 148 -17.14 -0.33 16.41
C VAL B 148 -15.81 0.39 16.58
N THR B 149 -15.68 1.10 17.69
CA THR B 149 -14.46 1.79 18.06
C THR B 149 -13.96 1.25 19.40
N VAL B 150 -12.70 0.86 19.45
CA VAL B 150 -12.12 0.26 20.64
C VAL B 150 -11.07 1.20 21.22
N ALA B 151 -11.04 1.31 22.55
CA ALA B 151 -10.04 2.09 23.24
C ALA B 151 -9.61 1.34 24.50
N TRP B 152 -8.39 1.61 24.94
CA TRP B 152 -7.83 0.99 26.13
C TRP B 152 -7.43 2.05 27.14
N LYS B 153 -7.71 1.79 28.42
CA LYS B 153 -7.46 2.75 29.48
C LYS B 153 -6.66 2.13 30.61
N ALA B 154 -5.71 2.90 31.12
CA ALA B 154 -4.99 2.62 32.37
C ALA B 154 -5.56 3.54 33.45
N ASP B 155 -6.65 3.08 34.07
CA ASP B 155 -7.29 3.61 35.26
C ASP B 155 -7.93 4.97 35.06
N SER B 156 -7.42 5.76 34.14
CA SER B 156 -8.15 6.90 33.58
C SER B 156 -7.64 7.18 32.17
N SER B 157 -6.43 6.64 31.86
CA SER B 157 -5.68 7.28 30.79
C SER B 157 -5.75 6.46 29.50
N PRO B 158 -6.03 7.08 28.36
CA PRO B 158 -6.02 6.35 27.10
C PRO B 158 -4.59 5.93 26.74
N VAL B 159 -4.43 4.65 26.41
CA VAL B 159 -3.16 4.11 25.95
C VAL B 159 -3.37 3.46 24.60
N LYS B 160 -2.61 3.89 23.60
CA LYS B 160 -2.74 3.39 22.24
C LYS B 160 -1.53 2.59 21.77
N ALA B 161 -0.44 2.59 22.54
CA ALA B 161 0.72 1.80 22.18
C ALA B 161 0.49 0.33 22.53
N GLY B 162 0.92 -0.55 21.62
CA GLY B 162 0.75 -1.97 21.85
C GLY B 162 -0.68 -2.47 21.69
N VAL B 163 -1.47 -1.80 20.85
CA VAL B 163 -2.84 -2.19 20.59
C VAL B 163 -2.93 -2.73 19.17
N GLU B 164 -3.46 -3.94 19.04
CA GLU B 164 -3.71 -4.57 17.74
C GLU B 164 -5.19 -4.91 17.65
N THR B 165 -5.91 -4.22 16.78
CA THR B 165 -7.35 -4.37 16.67
C THR B 165 -7.70 -4.82 15.25
N THR B 166 -8.52 -5.86 15.16
CA THR B 166 -8.94 -6.37 13.86
C THR B 166 -10.01 -5.46 13.26
N THR B 167 -10.36 -5.74 12.00
CA THR B 167 -11.52 -5.08 11.43
C THR B 167 -12.72 -6.01 11.50
N PRO B 168 -13.92 -5.46 11.74
CA PRO B 168 -15.09 -6.32 11.94
C PRO B 168 -15.36 -7.24 10.75
N SER B 169 -15.70 -8.49 11.06
CA SER B 169 -15.97 -9.50 10.06
C SER B 169 -17.32 -10.16 10.36
N LYS B 170 -18.03 -10.52 9.29
CA LYS B 170 -19.35 -11.12 9.45
C LYS B 170 -19.24 -12.54 10.02
N GLN B 171 -20.17 -12.89 10.90
CA GLN B 171 -20.23 -14.21 11.50
C GLN B 171 -21.19 -15.09 10.70
N SER B 172 -21.51 -16.27 11.24
CA SER B 172 -22.46 -17.15 10.58
C SER B 172 -23.89 -16.66 10.74
N ASN B 173 -24.21 -15.98 11.85
CA ASN B 173 -25.54 -15.45 12.09
C ASN B 173 -25.74 -14.06 11.47
N ASN B 174 -24.87 -13.66 10.55
CA ASN B 174 -24.93 -12.39 9.84
C ASN B 174 -24.75 -11.18 10.76
N LYS B 175 -24.12 -11.37 11.91
CA LYS B 175 -23.66 -10.27 12.74
C LYS B 175 -22.13 -10.19 12.64
N TYR B 176 -21.55 -9.21 13.30
CA TYR B 176 -20.13 -8.94 13.18
C TYR B 176 -19.39 -9.27 14.48
N ALA B 177 -18.08 -9.48 14.34
CA ALA B 177 -17.20 -9.72 15.48
C ALA B 177 -15.86 -9.04 15.23
N ALA B 178 -15.13 -8.79 16.32
CA ALA B 178 -13.83 -8.14 16.26
C ALA B 178 -13.05 -8.47 17.51
N SER B 179 -11.74 -8.25 17.45
CA SER B 179 -10.85 -8.53 18.56
C SER B 179 -9.91 -7.35 18.77
N SER B 180 -9.44 -7.20 20.01
CA SER B 180 -8.41 -6.22 20.32
C SER B 180 -7.45 -6.82 21.33
N TYR B 181 -6.16 -6.69 21.06
CA TYR B 181 -5.11 -7.25 21.92
C TYR B 181 -4.22 -6.12 22.39
N LEU B 182 -4.10 -5.98 23.71
CA LEU B 182 -3.20 -5.00 24.31
C LEU B 182 -2.00 -5.75 24.90
N SER B 183 -0.81 -5.47 24.36
CA SER B 183 0.41 -6.12 24.80
C SER B 183 1.14 -5.25 25.81
N LEU B 184 1.50 -5.85 26.94
CA LEU B 184 2.14 -5.16 28.05
C LEU B 184 3.24 -6.02 28.61
N THR B 185 4.27 -5.37 29.13
CA THR B 185 5.26 -6.08 29.92
C THR B 185 4.71 -6.30 31.34
N PRO B 186 5.11 -7.39 32.00
CA PRO B 186 4.55 -7.69 33.33
C PRO B 186 4.64 -6.55 34.33
N GLU B 187 5.69 -5.72 34.25
CA GLU B 187 5.81 -4.61 35.18
C GLU B 187 4.72 -3.58 34.94
N GLN B 188 4.35 -3.34 33.68
CA GLN B 188 3.25 -2.43 33.39
C GLN B 188 1.92 -3.02 33.85
N TRP B 189 1.74 -4.33 33.69
CA TRP B 189 0.50 -4.96 34.10
C TRP B 189 0.35 -4.94 35.62
N LYS B 190 1.45 -5.07 36.35
CA LYS B 190 1.39 -5.11 37.81
C LYS B 190 1.42 -3.73 38.44
N SER B 191 1.95 -2.72 37.74
CA SER B 191 2.06 -1.39 38.34
C SER B 191 0.72 -0.66 38.35
N HIS B 192 -0.05 -0.74 37.26
CA HIS B 192 -1.31 -0.03 37.18
C HIS B 192 -2.39 -0.75 37.99
N ARG B 193 -3.39 0.01 38.41
CA ARG B 193 -4.46 -0.54 39.24
C ARG B 193 -5.42 -1.39 38.41
N SER B 194 -5.77 -0.94 37.20
CA SER B 194 -6.69 -1.69 36.36
C SER B 194 -6.49 -1.30 34.91
N TYR B 195 -7.01 -2.12 34.02
CA TYR B 195 -7.02 -1.85 32.59
C TYR B 195 -8.42 -2.07 32.06
N SER B 196 -8.84 -1.21 31.13
CA SER B 196 -10.21 -1.19 30.66
C SER B 196 -10.25 -1.25 29.14
N CYS B 197 -11.11 -2.11 28.61
CA CYS B 197 -11.46 -2.16 27.20
C CYS B 197 -12.81 -1.47 27.02
N GLN B 198 -12.82 -0.37 26.27
CA GLN B 198 -14.00 0.46 26.07
C GLN B 198 -14.39 0.39 24.59
N VAL B 199 -15.53 -0.23 24.31
CA VAL B 199 -16.05 -0.33 22.95
C VAL B 199 -17.19 0.65 22.80
N THR B 200 -17.29 1.22 21.60
CA THR B 200 -18.34 2.18 21.27
C THR B 200 -18.99 1.75 19.97
N HIS B 201 -20.32 1.64 19.98
CA HIS B 201 -21.08 1.14 18.84
C HIS B 201 -22.37 1.92 18.73
N GLU B 202 -22.59 2.55 17.57
CA GLU B 202 -23.81 3.31 17.30
C GLU B 202 -24.08 4.35 18.38
N GLY B 203 -23.01 4.86 19.00
CA GLY B 203 -23.11 5.89 20.01
C GLY B 203 -23.12 5.40 21.44
N SER B 204 -23.40 4.12 21.68
CA SER B 204 -23.47 3.58 23.03
C SER B 204 -22.16 2.88 23.37
N THR B 205 -21.72 3.04 24.62
CA THR B 205 -20.42 2.56 25.06
C THR B 205 -20.57 1.44 26.08
N VAL B 206 -19.82 0.36 25.88
CA VAL B 206 -19.72 -0.75 26.82
C VAL B 206 -18.27 -0.83 27.28
N GLU B 207 -18.07 -0.90 28.60
CA GLU B 207 -16.74 -0.86 29.19
C GLU B 207 -16.55 -2.11 30.05
N LYS B 208 -15.49 -2.86 29.79
CA LYS B 208 -15.06 -3.96 30.64
C LYS B 208 -13.73 -3.60 31.28
N THR B 209 -13.52 -4.04 32.52
CA THR B 209 -12.27 -3.77 33.22
C THR B 209 -11.76 -5.03 33.90
N VAL B 210 -10.44 -5.16 33.95
CA VAL B 210 -9.78 -6.23 34.67
C VAL B 210 -8.61 -5.65 35.44
N ALA B 211 -8.33 -6.21 36.61
CA ALA B 211 -7.26 -5.76 37.47
C ALA B 211 -6.29 -6.90 37.73
N PRO B 212 -5.07 -6.62 38.18
CA PRO B 212 -4.15 -7.68 38.58
C PRO B 212 -4.78 -8.60 39.62
N THR B 213 -4.40 -9.89 39.55
CA THR B 213 -5.00 -10.96 40.35
C THR B 213 -6.51 -11.07 40.08
N ASN C 12 0.36 -21.03 -46.76
CA ASN C 12 -0.26 -22.16 -47.44
C ASN C 12 0.63 -23.38 -47.38
N GLN C 13 1.79 -23.30 -48.04
CA GLN C 13 2.70 -24.44 -48.12
C GLN C 13 3.48 -24.66 -46.83
N PRO C 14 4.10 -23.65 -46.19
CA PRO C 14 5.03 -23.95 -45.08
C PRO C 14 4.42 -24.77 -43.96
N TRP C 15 3.21 -24.42 -43.51
CA TRP C 15 2.62 -25.18 -42.41
C TRP C 15 2.27 -26.59 -42.84
N GLU C 16 1.85 -26.78 -44.09
CA GLU C 16 1.57 -28.13 -44.57
C GLU C 16 2.87 -28.93 -44.78
N GLN C 17 3.98 -28.26 -45.11
CA GLN C 17 5.25 -28.95 -45.17
C GLN C 17 5.72 -29.40 -43.79
N ALA C 18 5.53 -28.53 -42.78
CA ALA C 18 5.81 -28.95 -41.41
C ALA C 18 4.91 -30.12 -41.01
N LEU C 19 3.64 -30.08 -41.40
CA LEU C 19 2.75 -31.20 -41.11
C LEU C 19 3.21 -32.47 -41.80
N ASN C 20 3.78 -32.36 -42.99
CA ASN C 20 4.28 -33.54 -43.69
C ASN C 20 5.52 -34.11 -42.99
N ARG C 21 6.40 -33.24 -42.48
CA ARG C 21 7.50 -33.73 -41.67
C ARG C 21 6.99 -34.43 -40.41
N PHE C 22 5.93 -33.88 -39.80
CA PHE C 22 5.31 -34.54 -38.66
C PHE C 22 4.76 -35.91 -39.05
N TRP C 23 4.15 -36.01 -40.23
CA TRP C 23 3.64 -37.30 -40.70
C TRP C 23 4.78 -38.30 -40.89
N ASP C 24 5.89 -37.85 -41.47
CA ASP C 24 7.03 -38.73 -41.65
C ASP C 24 7.56 -39.24 -40.32
N TYR C 25 7.65 -38.35 -39.32
CA TYR C 25 8.09 -38.79 -38.01
C TYR C 25 7.10 -39.76 -37.38
N LEU C 26 5.80 -39.53 -37.60
CA LEU C 26 4.79 -40.42 -37.04
C LEU C 26 4.87 -41.80 -37.68
N ARG C 27 5.14 -41.86 -38.99
CA ARG C 27 5.34 -43.14 -39.64
C ARG C 27 6.57 -43.85 -39.10
N TRP C 28 7.67 -43.11 -38.91
CA TRP C 28 8.87 -43.72 -38.37
C TRP C 28 8.64 -44.24 -36.95
N VAL C 29 7.80 -43.57 -36.17
CA VAL C 29 7.58 -44.03 -34.80
C VAL C 29 6.56 -45.18 -34.77
N GLN C 30 5.64 -45.23 -35.74
CA GLN C 30 4.69 -46.33 -35.79
C GLN C 30 5.21 -47.52 -36.56
N THR C 31 6.44 -47.45 -37.09
CA THR C 31 7.08 -48.66 -37.60
C THR C 31 7.52 -49.58 -36.47
N LEU C 32 7.60 -49.07 -35.24
CA LEU C 32 7.98 -49.85 -34.05
C LEU C 32 9.31 -50.56 -34.26
N SER C 33 10.27 -49.86 -34.87
CA SER C 33 11.62 -50.36 -34.96
C SER C 33 12.26 -50.42 -33.58
N ASP C 34 13.36 -51.16 -33.47
CA ASP C 34 14.07 -51.22 -32.20
C ASP C 34 14.72 -49.89 -31.86
N GLN C 35 15.05 -49.09 -32.86
CA GLN C 35 15.56 -47.74 -32.59
C GLN C 35 14.48 -46.88 -31.97
N VAL C 36 13.25 -46.93 -32.51
CA VAL C 36 12.16 -46.19 -31.91
C VAL C 36 11.75 -46.81 -30.58
N GLN C 37 12.03 -48.10 -30.38
CA GLN C 37 11.70 -48.74 -29.11
C GLN C 37 12.71 -48.41 -28.02
N GLU C 38 13.95 -48.09 -28.38
CA GLU C 38 14.90 -47.59 -27.40
C GLU C 38 14.79 -46.09 -27.19
N GLU C 39 14.33 -45.36 -28.21
CA GLU C 39 14.09 -43.93 -28.06
C GLU C 39 12.77 -43.62 -27.36
N LEU C 40 11.82 -44.55 -27.38
CA LEU C 40 10.58 -44.37 -26.63
C LEU C 40 10.81 -44.40 -25.13
N GLN C 41 11.89 -45.06 -24.68
CA GLN C 41 12.22 -45.11 -23.27
C GLN C 41 13.17 -44.01 -22.83
N SER C 42 13.80 -43.30 -23.77
CA SER C 42 14.64 -42.16 -23.45
C SER C 42 13.88 -40.84 -23.54
N SER C 43 12.57 -40.87 -23.80
CA SER C 43 11.73 -39.70 -23.97
C SER C 43 12.23 -38.79 -25.09
N GLN C 44 13.09 -39.29 -25.96
CA GLN C 44 13.58 -38.47 -27.08
C GLN C 44 12.50 -38.30 -28.14
N VAL C 45 11.80 -39.39 -28.48
CA VAL C 45 10.76 -39.30 -29.51
C VAL C 45 9.63 -38.40 -29.06
N THR C 46 9.31 -38.41 -27.76
CA THR C 46 8.24 -37.56 -27.25
C THR C 46 8.54 -36.08 -27.49
N GLN C 47 9.73 -35.63 -27.10
CA GLN C 47 10.06 -34.22 -27.26
C GLN C 47 10.37 -33.85 -28.70
N GLU C 48 10.88 -34.78 -29.51
CA GLU C 48 11.08 -34.49 -30.93
C GLU C 48 9.73 -34.32 -31.63
N LEU C 49 8.78 -35.24 -31.38
CA LEU C 49 7.44 -35.08 -31.88
C LEU C 49 6.82 -33.77 -31.39
N THR C 50 7.10 -33.41 -30.13
CA THR C 50 6.58 -32.16 -29.58
C THR C 50 7.09 -30.96 -30.35
N ALA C 51 8.40 -30.93 -30.63
CA ALA C 51 8.96 -29.82 -31.39
C ALA C 51 8.40 -29.78 -32.80
N LEU C 52 8.22 -30.94 -33.43
CA LEU C 52 7.70 -30.97 -34.80
C LEU C 52 6.29 -30.41 -34.87
N MET C 53 5.41 -30.86 -33.97
CA MET C 53 4.03 -30.37 -33.98
C MET C 53 3.95 -28.94 -33.50
N GLU C 54 4.88 -28.50 -32.64
CA GLU C 54 4.92 -27.10 -32.24
C GLU C 54 5.27 -26.21 -33.43
N ASP C 55 6.26 -26.62 -34.23
CA ASP C 55 6.57 -25.88 -35.45
C ASP C 55 5.38 -25.86 -36.40
N THR C 56 4.70 -27.00 -36.55
CA THR C 56 3.50 -27.06 -37.38
C THR C 56 2.45 -26.05 -36.92
N LEU C 57 2.18 -26.03 -35.61
CA LEU C 57 1.15 -25.14 -35.09
C LEU C 57 1.54 -23.68 -35.21
N THR C 58 2.82 -23.36 -34.98
CA THR C 58 3.27 -21.98 -35.14
C THR C 58 3.12 -21.52 -36.57
N GLU C 59 3.51 -22.36 -37.54
CA GLU C 59 3.33 -22.00 -38.94
C GLU C 59 1.86 -21.81 -39.27
N ALA C 60 1.00 -22.70 -38.76
CA ALA C 60 -0.43 -22.61 -39.06
C ALA C 60 -1.03 -21.32 -38.50
N ILE C 61 -0.71 -20.99 -37.25
CA ILE C 61 -1.28 -19.79 -36.65
C ILE C 61 -0.69 -18.54 -37.29
N ALA C 62 0.55 -18.60 -37.78
CA ALA C 62 1.11 -17.47 -38.50
C ALA C 62 0.37 -17.24 -39.82
N TYR C 63 0.10 -18.33 -40.55
CA TYR C 63 -0.68 -18.21 -41.78
C TYR C 63 -2.08 -17.67 -41.49
N MET C 64 -2.71 -18.14 -40.42
CA MET C 64 -4.04 -17.65 -40.08
C MET C 64 -4.01 -16.18 -39.70
N LYS C 65 -2.98 -15.76 -38.96
CA LYS C 65 -2.85 -14.35 -38.58
C LYS C 65 -2.62 -13.46 -39.79
N GLU C 66 -1.86 -13.96 -40.78
CA GLU C 66 -1.68 -13.17 -42.00
C GLU C 66 -2.98 -13.08 -42.79
N LEU C 67 -3.72 -14.19 -42.89
CA LEU C 67 -5.04 -14.16 -43.54
C LEU C 67 -5.95 -13.14 -42.87
N GLU C 68 -5.98 -13.13 -41.54
CA GLU C 68 -6.78 -12.14 -40.82
C GLU C 68 -6.26 -10.73 -41.06
N GLU C 69 -4.94 -10.58 -41.18
CA GLU C 69 -4.35 -9.27 -41.41
C GLU C 69 -4.77 -8.69 -42.75
N GLN C 70 -4.97 -9.53 -43.76
CA GLN C 70 -5.48 -9.07 -45.05
C GLN C 70 -6.97 -9.36 -45.21
N LEU C 71 -7.74 -9.29 -44.13
CA LEU C 71 -9.19 -9.39 -44.21
C LEU C 71 -9.77 -8.04 -44.62
N GLY C 72 -10.70 -8.05 -45.57
CA GLY C 72 -11.21 -6.84 -46.17
C GLY C 72 -12.18 -6.07 -45.28
N PRO C 73 -13.15 -5.39 -45.90
CA PRO C 73 -14.13 -4.63 -45.12
C PRO C 73 -15.09 -5.54 -44.38
N VAL C 74 -14.60 -6.14 -43.29
CA VAL C 74 -15.33 -7.20 -42.58
C VAL C 74 -16.09 -6.61 -41.40
N ALA C 75 -17.23 -7.20 -41.11
CA ALA C 75 -17.93 -6.91 -39.86
C ALA C 75 -17.19 -7.57 -38.70
N GLU C 76 -17.23 -6.90 -37.55
CA GLU C 76 -16.47 -7.38 -36.39
C GLU C 76 -16.91 -8.78 -35.97
N GLU C 77 -18.22 -9.00 -35.89
CA GLU C 77 -18.72 -10.29 -35.41
C GLU C 77 -18.36 -11.43 -36.36
N THR C 78 -18.44 -11.18 -37.66
CA THR C 78 -18.11 -12.22 -38.63
C THR C 78 -16.62 -12.58 -38.58
N ARG C 79 -15.76 -11.57 -38.45
CA ARG C 79 -14.33 -11.82 -38.31
C ARG C 79 -14.04 -12.59 -37.03
N LEU C 80 -14.67 -12.20 -35.93
CA LEU C 80 -14.52 -12.93 -34.67
C LEU C 80 -14.93 -14.39 -34.84
N LYS C 81 -16.05 -14.64 -35.51
CA LYS C 81 -16.54 -16.01 -35.64
C LYS C 81 -15.63 -16.84 -36.55
N LEU C 82 -15.12 -16.24 -37.63
CA LEU C 82 -14.20 -16.97 -38.51
C LEU C 82 -12.90 -17.31 -37.79
N THR C 83 -12.33 -16.33 -37.07
CA THR C 83 -11.14 -16.60 -36.28
C THR C 83 -11.40 -17.69 -35.25
N GLN C 84 -12.57 -17.66 -34.62
CA GLN C 84 -12.91 -18.69 -33.64
C GLN C 84 -13.02 -20.06 -34.30
N ASN C 85 -13.56 -20.12 -35.52
CA ASN C 85 -13.62 -21.39 -36.23
C ASN C 85 -12.23 -21.97 -36.47
N VAL C 86 -11.33 -21.13 -36.99
CA VAL C 86 -9.97 -21.59 -37.25
C VAL C 86 -9.30 -22.03 -35.94
N ILE C 87 -9.48 -21.25 -34.88
CA ILE C 87 -8.83 -21.56 -33.61
C ILE C 87 -9.39 -22.84 -33.02
N ASP C 88 -10.69 -23.10 -33.20
CA ASP C 88 -11.28 -24.33 -32.68
C ASP C 88 -10.76 -25.54 -33.45
N ALA C 89 -10.61 -25.41 -34.77
CA ALA C 89 -10.01 -26.50 -35.55
C ALA C 89 -8.60 -26.79 -35.07
N ILE C 90 -7.80 -25.74 -34.90
CA ILE C 90 -6.42 -25.92 -34.46
C ILE C 90 -6.37 -26.53 -33.06
N THR C 91 -7.31 -26.16 -32.19
CA THR C 91 -7.27 -26.68 -30.83
C THR C 91 -7.77 -28.12 -30.77
N ASN C 92 -8.65 -28.54 -31.68
CA ASN C 92 -8.96 -29.96 -31.80
C ASN C 92 -7.73 -30.74 -32.23
N LEU C 93 -7.00 -30.22 -33.21
CA LEU C 93 -5.73 -30.84 -33.59
C LEU C 93 -4.80 -30.93 -32.38
N VAL C 94 -4.72 -29.87 -31.58
CA VAL C 94 -3.85 -29.85 -30.41
C VAL C 94 -4.29 -30.89 -29.38
N ASN C 95 -5.60 -31.08 -29.22
CA ASN C 95 -6.11 -32.06 -28.27
C ASN C 95 -5.72 -33.47 -28.66
N ASP C 96 -6.02 -33.84 -29.91
CA ASP C 96 -5.54 -35.14 -30.40
C ASP C 96 -4.00 -35.26 -30.29
N MET C 97 -3.24 -34.20 -30.61
CA MET C 97 -1.79 -34.31 -30.50
C MET C 97 -1.36 -34.58 -29.06
N ALA C 98 -1.97 -33.87 -28.11
CA ALA C 98 -1.57 -34.04 -26.72
C ALA C 98 -1.96 -35.41 -26.22
N GLU C 99 -3.11 -35.94 -26.68
CA GLU C 99 -3.49 -37.30 -26.28
C GLU C 99 -2.47 -38.31 -26.79
N LEU C 100 -2.03 -38.15 -28.04
CA LEU C 100 -0.99 -39.02 -28.59
C LEU C 100 0.28 -38.94 -27.75
N ARG C 101 0.72 -37.72 -27.42
CA ARG C 101 1.95 -37.56 -26.65
C ARG C 101 1.83 -38.20 -25.27
N ASN C 102 0.72 -37.93 -24.58
CA ASN C 102 0.54 -38.46 -23.22
C ASN C 102 0.46 -39.98 -23.24
N ARG C 103 -0.16 -40.56 -24.27
CA ARG C 103 -0.25 -42.01 -24.32
C ARG C 103 1.07 -42.65 -24.72
N LEU C 104 1.91 -41.97 -25.49
CA LEU C 104 3.26 -42.48 -25.72
C LEU C 104 4.07 -42.47 -24.42
N GLY C 105 3.97 -41.39 -23.64
CA GLY C 105 4.62 -41.38 -22.34
C GLY C 105 4.11 -42.48 -21.42
N GLN C 106 2.79 -42.71 -21.44
CA GLN C 106 2.21 -43.78 -20.62
C GLN C 106 2.69 -45.16 -21.10
N TYR C 107 2.86 -45.33 -22.41
CA TYR C 107 3.40 -46.59 -22.92
C TYR C 107 4.83 -46.80 -22.44
N ARG C 108 5.64 -45.74 -22.44
CA ARG C 108 6.99 -45.88 -21.89
C ARG C 108 6.95 -46.27 -20.42
N ASN C 109 6.08 -45.62 -19.64
CA ASN C 109 6.05 -45.88 -18.20
C ASN C 109 5.37 -47.21 -17.87
N GLU C 110 4.60 -47.79 -18.80
CA GLU C 110 3.96 -49.09 -18.58
C GLU C 110 4.65 -50.22 -19.32
N VAL C 111 5.71 -49.93 -20.08
CA VAL C 111 6.71 -50.95 -20.35
C VAL C 111 7.83 -50.87 -19.31
N HIS C 112 7.92 -49.76 -18.58
CA HIS C 112 8.70 -49.72 -17.35
C HIS C 112 8.08 -50.56 -16.24
N THR C 113 6.85 -51.05 -16.41
CA THR C 113 6.22 -51.87 -15.39
C THR C 113 6.93 -53.22 -15.22
N MET C 114 7.64 -53.67 -16.25
CA MET C 114 8.59 -54.77 -16.11
C MET C 114 10.03 -54.30 -16.16
N LEU C 115 10.25 -52.98 -16.22
CA LEU C 115 11.57 -52.36 -16.06
C LEU C 115 12.57 -52.84 -17.12
N GLY C 116 12.26 -52.52 -18.37
CA GLY C 116 13.24 -52.68 -19.43
C GLY C 116 12.80 -53.42 -20.67
N GLN C 117 12.00 -54.48 -20.50
CA GLN C 117 11.61 -55.36 -21.60
C GLN C 117 10.13 -55.15 -21.93
N SER C 118 9.81 -55.23 -23.22
CA SER C 118 8.43 -55.09 -23.70
C SER C 118 8.02 -56.37 -24.43
N THR C 119 6.74 -56.70 -24.32
CA THR C 119 6.20 -57.88 -24.97
C THR C 119 6.08 -57.64 -26.48
N GLU C 120 5.54 -58.63 -27.18
CA GLU C 120 5.35 -58.56 -28.63
C GLU C 120 3.89 -58.36 -29.03
N GLU C 121 3.01 -58.12 -28.07
CA GLU C 121 1.61 -57.84 -28.37
C GLU C 121 1.14 -56.50 -27.83
N ILE C 122 1.72 -56.03 -26.71
CA ILE C 122 1.49 -54.64 -26.32
C ILE C 122 1.97 -53.71 -27.42
N ARG C 123 2.97 -54.13 -28.19
CA ARG C 123 3.39 -53.38 -29.37
C ARG C 123 2.26 -53.28 -30.39
N ALA C 124 1.55 -54.39 -30.63
CA ALA C 124 0.45 -54.37 -31.60
C ALA C 124 -0.70 -53.50 -31.11
N ARG C 125 -1.00 -53.56 -29.81
CA ARG C 125 -2.06 -52.71 -29.26
C ARG C 125 -1.70 -51.23 -29.39
N LEU C 126 -0.48 -50.87 -28.98
CA LEU C 126 -0.01 -49.50 -29.16
C LEU C 126 -0.03 -49.10 -30.63
N SER C 127 0.28 -50.04 -31.53
CA SER C 127 0.33 -49.73 -32.96
C SER C 127 -1.07 -49.43 -33.51
N THR C 128 -2.07 -50.22 -33.10
CA THR C 128 -3.43 -49.93 -33.53
C THR C 128 -3.90 -48.60 -32.97
N HIS C 129 -3.56 -48.29 -31.71
CA HIS C 129 -3.88 -46.99 -31.15
C HIS C 129 -3.22 -45.87 -31.96
N LEU C 130 -1.95 -46.04 -32.32
CA LEU C 130 -1.24 -45.03 -33.10
C LEU C 130 -1.83 -44.87 -34.50
N ARG C 131 -2.30 -45.97 -35.11
CA ARG C 131 -2.88 -45.87 -36.44
C ARG C 131 -4.21 -45.13 -36.40
N LYS C 132 -5.08 -45.44 -35.43
CA LYS C 132 -6.32 -44.68 -35.30
C LYS C 132 -6.02 -43.21 -34.99
N MET C 133 -5.01 -42.95 -34.16
CA MET C 133 -4.62 -41.58 -33.85
C MET C 133 -4.14 -40.86 -35.10
N ARG C 134 -3.37 -41.55 -35.94
CA ARG C 134 -2.89 -40.94 -37.18
C ARG C 134 -4.04 -40.61 -38.12
N LYS C 135 -5.02 -41.51 -38.21
CA LYS C 135 -6.16 -41.24 -39.09
C LYS C 135 -6.95 -40.03 -38.61
N ARG C 136 -7.26 -39.98 -37.31
CA ARG C 136 -8.01 -38.84 -36.79
C ARG C 136 -7.19 -37.56 -36.84
N LEU C 137 -5.87 -37.65 -36.69
CA LEU C 137 -5.02 -36.48 -36.84
C LEU C 137 -5.05 -35.96 -38.27
N MET C 138 -5.01 -36.85 -39.25
CA MET C 138 -5.14 -36.43 -40.65
C MET C 138 -6.47 -35.74 -40.89
N ARG C 139 -7.56 -36.33 -40.39
CA ARG C 139 -8.87 -35.72 -40.56
C ARG C 139 -8.92 -34.33 -39.94
N ASP C 140 -8.39 -34.19 -38.72
CA ASP C 140 -8.45 -32.90 -38.03
C ASP C 140 -7.56 -31.86 -38.71
N ALA C 141 -6.37 -32.28 -39.17
CA ALA C 141 -5.49 -31.34 -39.87
C ALA C 141 -6.11 -30.88 -41.19
N GLU C 142 -6.79 -31.79 -41.89
CA GLU C 142 -7.39 -31.39 -43.15
C GLU C 142 -8.61 -30.50 -42.93
N ASP C 143 -9.36 -30.70 -41.84
CA ASP C 143 -10.42 -29.73 -41.58
C ASP C 143 -9.87 -28.40 -41.08
N VAL C 144 -8.68 -28.41 -40.46
CA VAL C 144 -7.99 -27.15 -40.15
C VAL C 144 -7.67 -26.41 -41.45
N GLN C 145 -7.15 -27.13 -42.44
CA GLN C 145 -6.87 -26.52 -43.73
C GLN C 145 -8.15 -26.01 -44.39
N LYS C 146 -9.25 -26.75 -44.22
CA LYS C 146 -10.54 -26.30 -44.76
C LYS C 146 -11.00 -25.00 -44.09
N ALA C 147 -10.86 -24.92 -42.76
CA ALA C 147 -11.21 -23.69 -42.06
C ALA C 147 -10.32 -22.54 -42.50
N LEU C 148 -9.04 -22.82 -42.75
CA LEU C 148 -8.15 -21.79 -43.28
C LEU C 148 -8.62 -21.31 -44.65
N ALA C 149 -9.03 -22.24 -45.52
CA ALA C 149 -9.53 -21.85 -46.84
C ALA C 149 -10.79 -21.01 -46.72
N VAL C 150 -11.70 -21.39 -45.81
CA VAL C 150 -12.90 -20.61 -45.58
C VAL C 150 -12.55 -19.22 -45.05
N TYR C 151 -11.45 -19.12 -44.29
CA TYR C 151 -11.04 -17.82 -43.77
C TYR C 151 -10.66 -16.87 -44.89
N LYS C 152 -10.18 -17.40 -46.03
CA LYS C 152 -9.79 -16.58 -47.17
C LYS C 152 -11.03 -16.24 -48.00
N ALA C 153 -11.92 -15.47 -47.37
CA ALA C 153 -13.17 -15.04 -48.01
C ALA C 153 -13.73 -13.88 -47.20
N GLY C 154 -14.83 -13.32 -47.68
CA GLY C 154 -15.48 -12.20 -47.02
C GLY C 154 -14.72 -10.90 -47.14
N ASN D 12 -14.62 34.79 36.64
CA ASN D 12 -15.02 33.58 37.36
C ASN D 12 -14.15 33.36 38.59
N GLN D 13 -14.74 32.80 39.64
CA GLN D 13 -14.04 32.60 40.90
C GLN D 13 -13.08 31.40 40.91
N PRO D 14 -13.44 30.23 40.32
CA PRO D 14 -12.51 29.08 40.35
C PRO D 14 -11.14 29.38 39.77
N TRP D 15 -11.09 29.82 38.51
CA TRP D 15 -9.81 30.07 37.87
C TRP D 15 -9.10 31.26 38.51
N GLU D 16 -9.84 32.26 38.99
CA GLU D 16 -9.22 33.38 39.68
C GLU D 16 -8.65 32.96 41.04
N GLN D 17 -9.28 32.01 41.72
CA GLN D 17 -8.71 31.53 42.97
C GLN D 17 -7.49 30.63 42.73
N ALA D 18 -7.49 29.86 41.64
CA ALA D 18 -6.27 29.17 41.25
C ALA D 18 -5.15 30.16 40.92
N LEU D 19 -5.52 31.27 40.26
CA LEU D 19 -4.54 32.32 40.00
C LEU D 19 -4.03 32.95 41.30
N ASN D 20 -4.90 33.09 42.30
CA ASN D 20 -4.47 33.62 43.59
C ASN D 20 -3.51 32.66 44.29
N ARG D 21 -3.76 31.36 44.18
CA ARG D 21 -2.82 30.37 44.70
C ARG D 21 -1.47 30.48 43.99
N PHE D 22 -1.51 30.68 42.67
CA PHE D 22 -0.29 30.94 41.91
C PHE D 22 0.43 32.19 42.41
N TRP D 23 -0.33 33.25 42.71
CA TRP D 23 0.27 34.46 43.27
C TRP D 23 0.92 34.20 44.62
N ASP D 24 0.28 33.39 45.46
CA ASP D 24 0.84 33.08 46.77
C ASP D 24 2.16 32.31 46.62
N TYR D 25 2.19 31.33 45.72
CA TYR D 25 3.44 30.61 45.46
C TYR D 25 4.52 31.55 44.94
N LEU D 26 4.13 32.50 44.09
CA LEU D 26 5.09 33.49 43.59
C LEU D 26 5.64 34.35 44.71
N ARG D 27 4.77 34.77 45.64
CA ARG D 27 5.24 35.54 46.78
C ARG D 27 6.21 34.73 47.63
N TRP D 28 5.94 33.44 47.79
CA TRP D 28 6.87 32.59 48.55
C TRP D 28 8.23 32.53 47.87
N VAL D 29 8.25 32.30 46.55
CA VAL D 29 9.55 32.23 45.88
C VAL D 29 10.23 33.58 45.89
N GLN D 30 9.46 34.67 45.98
CA GLN D 30 10.05 36.01 46.08
C GLN D 30 10.65 36.25 47.45
N THR D 31 10.12 35.57 48.48
CA THR D 31 10.72 35.66 49.82
C THR D 31 12.21 35.28 49.79
N LEU D 32 12.58 34.32 48.95
CA LEU D 32 13.95 33.80 48.87
C LEU D 32 14.40 33.21 50.20
N SER D 33 13.50 32.45 50.83
CA SER D 33 13.84 31.73 52.05
C SER D 33 14.91 30.67 51.76
N ASP D 34 15.50 30.15 52.83
CA ASP D 34 16.48 29.06 52.67
C ASP D 34 15.85 27.85 52.00
N GLN D 35 14.57 27.59 52.28
CA GLN D 35 13.88 26.49 51.61
C GLN D 35 13.69 26.79 50.13
N VAL D 36 13.48 28.06 49.77
CA VAL D 36 13.41 28.43 48.35
C VAL D 36 14.73 28.15 47.67
N GLN D 37 15.84 28.55 48.30
CA GLN D 37 17.16 28.30 47.72
C GLN D 37 17.43 26.81 47.60
N GLU D 38 16.96 26.02 48.57
CA GLU D 38 17.17 24.58 48.50
C GLU D 38 16.34 23.95 47.38
N GLU D 39 15.08 24.37 47.24
CA GLU D 39 14.20 23.75 46.26
C GLU D 39 14.43 24.25 44.84
N LEU D 40 15.09 25.40 44.67
CA LEU D 40 15.43 25.85 43.33
C LEU D 40 16.39 24.88 42.64
N GLN D 41 17.49 24.55 43.32
CA GLN D 41 18.41 23.55 42.78
C GLN D 41 17.81 22.16 42.78
N SER D 42 16.71 21.94 43.51
CA SER D 42 16.09 20.63 43.62
C SER D 42 15.14 20.31 42.47
N SER D 43 15.01 21.21 41.50
CA SER D 43 14.16 21.00 40.32
C SER D 43 12.70 20.80 40.69
N GLN D 44 12.30 21.19 41.90
CA GLN D 44 10.94 20.96 42.37
C GLN D 44 10.06 22.20 42.33
N VAL D 45 10.63 23.38 42.57
CA VAL D 45 9.84 24.60 42.48
C VAL D 45 9.47 24.91 41.04
N THR D 46 10.39 24.65 40.10
CA THR D 46 10.09 24.84 38.69
C THR D 46 8.97 23.93 38.21
N GLN D 47 8.75 22.81 38.90
CA GLN D 47 7.68 21.88 38.55
C GLN D 47 6.37 22.23 39.27
N GLU D 48 6.45 22.60 40.55
CA GLU D 48 5.27 23.01 41.27
C GLU D 48 4.66 24.27 40.66
N LEU D 49 5.52 25.19 40.19
CA LEU D 49 5.02 26.38 39.51
C LEU D 49 4.30 26.01 38.21
N THR D 50 4.86 25.06 37.44
CA THR D 50 4.19 24.61 36.23
C THR D 50 2.83 24.00 36.55
N ALA D 51 2.76 23.19 37.60
CA ALA D 51 1.47 22.61 37.99
C ALA D 51 0.47 23.70 38.35
N LEU D 52 0.91 24.68 39.15
CA LEU D 52 0.01 25.72 39.61
C LEU D 52 -0.44 26.64 38.48
N MET D 53 0.37 26.81 37.45
CA MET D 53 -0.06 27.63 36.32
C MET D 53 -0.89 26.84 35.31
N GLU D 54 -0.60 25.55 35.13
CA GLU D 54 -1.44 24.72 34.28
C GLU D 54 -2.84 24.59 34.85
N ASP D 55 -2.95 24.52 36.18
CA ASP D 55 -4.27 24.53 36.81
C ASP D 55 -5.07 25.76 36.42
N THR D 56 -4.45 26.94 36.56
CA THR D 56 -5.13 28.19 36.22
C THR D 56 -5.53 28.23 34.76
N LEU D 57 -4.60 27.86 33.87
CA LEU D 57 -4.89 27.91 32.44
C LEU D 57 -6.01 26.95 32.07
N THR D 58 -6.00 25.75 32.65
CA THR D 58 -7.03 24.76 32.36
C THR D 58 -8.40 25.26 32.80
N GLU D 59 -8.49 25.77 34.03
CA GLU D 59 -9.77 26.26 34.52
C GLU D 59 -10.25 27.47 33.73
N ALA D 60 -9.32 28.34 33.30
CA ALA D 60 -9.70 29.52 32.54
C ALA D 60 -10.24 29.13 31.17
N ILE D 61 -9.57 28.22 30.47
CA ILE D 61 -10.06 27.82 29.16
C ILE D 61 -11.32 26.98 29.28
N ALA D 62 -11.50 26.27 30.40
CA ALA D 62 -12.77 25.56 30.61
C ALA D 62 -13.91 26.54 30.82
N TYR D 63 -13.66 27.62 31.57
CA TYR D 63 -14.68 28.66 31.72
C TYR D 63 -14.98 29.33 30.39
N MET D 64 -13.95 29.54 29.55
CA MET D 64 -14.19 30.11 28.23
C MET D 64 -14.99 29.15 27.35
N LYS D 65 -14.75 27.84 27.47
CA LYS D 65 -15.51 26.86 26.71
C LYS D 65 -16.97 26.82 27.17
N GLU D 66 -17.21 26.95 28.48
CA GLU D 66 -18.59 27.03 28.95
C GLU D 66 -19.28 28.29 28.44
N LEU D 67 -18.57 29.42 28.43
CA LEU D 67 -19.13 30.65 27.89
C LEU D 67 -19.45 30.50 26.39
N GLU D 68 -18.59 29.80 25.65
CA GLU D 68 -18.86 29.57 24.23
C GLU D 68 -20.07 28.66 24.06
N GLU D 69 -20.21 27.63 24.91
CA GLU D 69 -21.41 26.80 24.88
C GLU D 69 -22.65 27.63 25.14
N GLN D 70 -22.56 28.62 26.02
CA GLN D 70 -23.69 29.51 26.29
C GLN D 70 -23.91 30.55 25.20
N LEU D 71 -22.88 30.83 24.38
CA LEU D 71 -22.94 31.92 23.41
C LEU D 71 -24.17 31.84 22.52
N GLY D 72 -24.42 30.66 21.94
CA GLY D 72 -25.62 30.45 21.17
C GLY D 72 -25.45 30.64 19.68
N PRO D 73 -26.58 30.67 18.94
CA PRO D 73 -26.53 30.77 17.46
C PRO D 73 -26.21 32.18 16.97
N VAL D 74 -25.03 32.66 17.32
CA VAL D 74 -24.55 33.97 16.86
C VAL D 74 -23.70 33.77 15.61
N ALA D 75 -23.49 34.86 14.88
CA ALA D 75 -22.71 34.81 13.65
C ALA D 75 -21.32 34.26 13.91
N GLU D 76 -20.79 33.56 12.90
CA GLU D 76 -19.51 32.87 13.09
C GLU D 76 -18.33 33.83 13.12
N GLU D 77 -18.41 34.94 12.37
CA GLU D 77 -17.30 35.88 12.33
C GLU D 77 -17.01 36.47 13.70
N THR D 78 -18.03 37.03 14.35
CA THR D 78 -17.83 37.66 15.66
C THR D 78 -17.47 36.65 16.73
N ARG D 79 -18.07 35.45 16.67
CA ARG D 79 -17.70 34.40 17.62
C ARG D 79 -16.22 34.05 17.50
N LEU D 80 -15.77 33.78 16.28
CA LEU D 80 -14.36 33.44 16.06
C LEU D 80 -13.45 34.59 16.46
N LYS D 81 -13.88 35.83 16.20
CA LYS D 81 -13.06 36.98 16.57
C LYS D 81 -12.89 37.09 18.09
N LEU D 82 -13.99 36.98 18.83
CA LEU D 82 -13.90 37.08 20.29
C LEU D 82 -13.10 35.94 20.88
N THR D 83 -13.31 34.72 20.37
CA THR D 83 -12.53 33.59 20.85
C THR D 83 -11.05 33.77 20.55
N GLN D 84 -10.72 34.29 19.37
CA GLN D 84 -9.32 34.54 19.03
C GLN D 84 -8.72 35.60 19.95
N ASN D 85 -9.51 36.62 20.31
CA ASN D 85 -9.01 37.66 21.19
C ASN D 85 -8.69 37.10 22.58
N VAL D 86 -9.62 36.34 23.16
CA VAL D 86 -9.37 35.78 24.49
C VAL D 86 -8.24 34.76 24.44
N ILE D 87 -8.12 34.01 23.34
CA ILE D 87 -7.03 33.06 23.19
C ILE D 87 -5.69 33.78 23.09
N ASP D 88 -5.66 34.92 22.41
CA ASP D 88 -4.42 35.69 22.32
C ASP D 88 -4.02 36.27 23.67
N ALA D 89 -5.01 36.69 24.47
CA ALA D 89 -4.70 37.15 25.82
C ALA D 89 -4.11 36.02 26.66
N ILE D 90 -4.75 34.85 26.63
CA ILE D 90 -4.23 33.69 27.35
C ILE D 90 -2.85 33.30 26.83
N THR D 91 -2.61 33.49 25.53
CA THR D 91 -1.31 33.15 24.95
C THR D 91 -0.22 34.09 25.44
N ASN D 92 -0.53 35.39 25.55
CA ASN D 92 0.44 36.32 26.12
C ASN D 92 0.75 35.96 27.57
N LEU D 93 -0.29 35.58 28.33
CA LEU D 93 -0.06 35.12 29.70
C LEU D 93 0.84 33.89 29.71
N VAL D 94 0.61 32.94 28.79
CA VAL D 94 1.41 31.73 28.73
C VAL D 94 2.86 32.06 28.36
N ASN D 95 3.07 33.03 27.47
CA ASN D 95 4.43 33.43 27.11
C ASN D 95 5.14 34.02 28.31
N ASP D 96 4.46 34.85 29.10
CA ASP D 96 5.08 35.40 30.30
C ASP D 96 5.39 34.29 31.32
N MET D 97 4.48 33.34 31.48
CA MET D 97 4.74 32.23 32.40
C MET D 97 5.92 31.40 31.95
N ALA D 98 6.05 31.18 30.64
CA ALA D 98 7.21 30.45 30.11
C ALA D 98 8.50 31.25 30.29
N GLU D 99 8.42 32.57 30.19
CA GLU D 99 9.60 33.40 30.45
C GLU D 99 10.04 33.26 31.90
N LEU D 100 9.08 33.23 32.82
CA LEU D 100 9.42 32.99 34.24
C LEU D 100 10.03 31.60 34.44
N ARG D 101 9.45 30.58 33.79
CA ARG D 101 9.98 29.22 33.83
C ARG D 101 11.45 29.20 33.41
N ASN D 102 11.73 29.79 32.24
CA ASN D 102 13.09 29.77 31.71
C ASN D 102 14.03 30.61 32.56
N ARG D 103 13.53 31.68 33.20
CA ARG D 103 14.37 32.46 34.10
C ARG D 103 14.77 31.63 35.32
N LEU D 104 13.81 30.90 35.90
CA LEU D 104 14.16 30.01 37.01
C LEU D 104 15.14 28.94 36.56
N GLY D 105 14.94 28.40 35.36
CA GLY D 105 15.89 27.42 34.84
C GLY D 105 17.29 27.98 34.65
N GLN D 106 17.38 29.22 34.18
CA GLN D 106 18.69 29.87 34.02
C GLN D 106 19.35 30.09 35.37
N TYR D 107 18.59 30.57 36.36
CA TYR D 107 19.15 30.74 37.69
C TYR D 107 19.64 29.42 38.26
N ARG D 108 18.92 28.32 38.00
CA ARG D 108 19.34 27.03 38.50
C ARG D 108 20.62 26.56 37.80
N ASN D 109 20.68 26.69 36.47
CA ASN D 109 21.88 26.32 35.73
C ASN D 109 23.06 27.22 36.06
N GLU D 110 22.82 28.38 36.65
CA GLU D 110 23.86 29.33 37.02
C GLU D 110 24.25 29.24 38.49
N VAL D 111 23.80 28.20 39.20
CA VAL D 111 23.92 28.17 40.65
C VAL D 111 25.11 27.34 41.10
N HIS D 112 25.51 26.35 40.29
CA HIS D 112 26.58 25.46 40.72
C HIS D 112 27.95 25.85 40.19
N THR D 113 28.02 26.84 39.29
CA THR D 113 29.31 27.39 38.90
C THR D 113 29.95 28.23 39.99
N MET D 114 29.30 28.34 41.16
CA MET D 114 29.81 29.08 42.30
C MET D 114 30.05 28.17 43.49
N LEU D 115 30.36 26.89 43.23
CA LEU D 115 30.55 25.83 44.22
C LEU D 115 29.23 25.44 44.91
N GLY D 116 28.14 26.12 44.61
CA GLY D 116 26.89 25.96 45.33
C GLY D 116 26.55 27.12 46.25
N GLN D 117 27.39 28.14 46.31
CA GLN D 117 27.15 29.30 47.14
C GLN D 117 25.99 30.13 46.59
N SER D 118 25.61 31.16 47.34
CA SER D 118 24.52 32.06 46.97
C SER D 118 24.96 33.49 47.27
N THR D 119 25.55 34.15 46.28
CA THR D 119 25.93 35.54 46.43
C THR D 119 24.67 36.41 46.51
N GLU D 120 24.80 37.54 47.22
CA GLU D 120 23.64 38.42 47.39
C GLU D 120 23.25 39.10 46.08
N GLU D 121 24.21 39.31 45.17
CA GLU D 121 23.91 40.07 43.96
C GLU D 121 23.10 39.26 42.96
N ILE D 122 23.44 37.97 42.79
CA ILE D 122 22.68 37.13 41.88
C ILE D 122 21.25 36.96 42.38
N ARG D 123 21.09 36.73 43.68
CA ARG D 123 19.75 36.60 44.25
C ARG D 123 18.99 37.93 44.21
N ALA D 124 19.69 39.06 44.30
CA ALA D 124 19.02 40.35 44.20
C ALA D 124 18.53 40.60 42.77
N ARG D 125 19.35 40.25 41.77
CA ARG D 125 18.90 40.34 40.39
C ARG D 125 17.72 39.41 40.14
N LEU D 126 17.76 38.21 40.75
CA LEU D 126 16.63 37.30 40.64
C LEU D 126 15.37 37.90 41.24
N SER D 127 15.50 38.57 42.39
CA SER D 127 14.34 39.18 43.04
C SER D 127 13.78 40.33 42.21
N THR D 128 14.65 41.14 41.60
CA THR D 128 14.17 42.20 40.72
C THR D 128 13.46 41.64 39.50
N HIS D 129 14.03 40.59 38.89
CA HIS D 129 13.36 39.89 37.81
C HIS D 129 11.99 39.41 38.24
N LEU D 130 11.90 38.82 39.43
CA LEU D 130 10.62 38.31 39.93
C LEU D 130 9.61 39.43 40.12
N ARG D 131 10.05 40.58 40.65
CA ARG D 131 9.13 41.69 40.87
C ARG D 131 8.58 42.22 39.54
N LYS D 132 9.46 42.48 38.58
CA LYS D 132 9.00 43.01 37.30
C LYS D 132 8.13 41.99 36.56
N MET D 133 8.51 40.70 36.62
CA MET D 133 7.74 39.69 35.93
C MET D 133 6.40 39.43 36.60
N ARG D 134 6.30 39.61 37.92
CA ARG D 134 5.01 39.50 38.58
C ARG D 134 4.12 40.66 38.23
N LYS D 135 4.69 41.86 38.09
CA LYS D 135 3.90 42.98 37.57
C LYS D 135 3.34 42.65 36.19
N ARG D 136 4.20 42.15 35.29
CA ARG D 136 3.76 41.80 33.95
C ARG D 136 2.67 40.73 33.98
N LEU D 137 2.87 39.68 34.79
CA LEU D 137 1.88 38.61 34.90
C LEU D 137 0.56 39.12 35.41
N MET D 138 0.59 40.02 36.40
CA MET D 138 -0.66 40.54 36.96
C MET D 138 -1.40 41.38 35.93
N ARG D 139 -0.68 42.20 35.16
CA ARG D 139 -1.35 42.97 34.11
C ARG D 139 -1.91 42.05 33.03
N ASP D 140 -1.19 40.98 32.69
CA ASP D 140 -1.67 40.05 31.67
C ASP D 140 -2.90 39.29 32.15
N ALA D 141 -2.94 38.93 33.44
CA ALA D 141 -4.12 38.27 33.99
C ALA D 141 -5.31 39.22 34.03
N GLU D 142 -5.06 40.48 34.38
CA GLU D 142 -6.11 41.50 34.30
C GLU D 142 -6.68 41.58 32.88
N ASP D 143 -5.80 41.59 31.88
CA ASP D 143 -6.29 41.64 30.50
C ASP D 143 -7.00 40.34 30.09
N VAL D 144 -6.59 39.20 30.64
CA VAL D 144 -7.26 37.94 30.33
C VAL D 144 -8.68 37.96 30.87
N GLN D 145 -8.85 38.38 32.13
CA GLN D 145 -10.20 38.45 32.68
C GLN D 145 -11.03 39.54 32.01
N LYS D 146 -10.38 40.62 31.57
CA LYS D 146 -11.11 41.65 30.83
C LYS D 146 -11.59 41.13 29.49
N ALA D 147 -10.78 40.31 28.81
CA ALA D 147 -11.22 39.71 27.55
C ALA D 147 -12.32 38.67 27.79
N LEU D 148 -12.24 37.93 28.91
CA LEU D 148 -13.33 37.02 29.26
C LEU D 148 -14.62 37.78 29.50
N ALA D 149 -14.54 38.98 30.08
CA ALA D 149 -15.72 39.80 30.27
C ALA D 149 -16.24 40.35 28.94
N VAL D 150 -15.33 40.80 28.06
CA VAL D 150 -15.70 41.26 26.73
C VAL D 150 -16.41 40.15 25.97
N TYR D 151 -16.03 38.89 26.22
CA TYR D 151 -16.71 37.75 25.61
C TYR D 151 -18.17 37.64 26.00
N LYS D 152 -18.64 38.46 26.94
CA LYS D 152 -20.05 38.48 27.31
C LYS D 152 -20.73 39.66 26.62
N ALA D 153 -21.03 39.47 25.34
CA ALA D 153 -21.70 40.47 24.51
C ALA D 153 -22.18 39.78 23.23
N GLY D 154 -22.70 40.56 22.30
CA GLY D 154 -23.10 40.06 21.00
C GLY D 154 -24.48 39.44 20.92
N ALA D 155 -25.23 39.44 22.01
CA ALA D 155 -26.57 38.83 22.06
C ALA D 155 -26.54 37.38 21.61
N GLN E 1 7.32 36.48 11.50
CA GLN E 1 8.29 35.60 10.87
C GLN E 1 8.50 34.34 11.70
N VAL E 2 7.42 33.59 11.88
CA VAL E 2 7.44 32.35 12.64
C VAL E 2 7.76 31.20 11.70
N GLN E 3 8.62 30.29 12.16
CA GLN E 3 8.97 29.10 11.40
C GLN E 3 8.71 27.86 12.23
N LEU E 4 8.50 26.74 11.55
CA LEU E 4 8.28 25.46 12.19
C LEU E 4 9.42 24.52 11.80
N VAL E 5 10.15 24.03 12.78
CA VAL E 5 11.26 23.09 12.57
C VAL E 5 10.86 21.74 13.16
N GLN E 6 10.98 20.70 12.35
CA GLN E 6 10.60 19.36 12.77
C GLN E 6 11.83 18.55 13.14
N SER E 7 11.60 17.44 13.85
CA SER E 7 12.69 16.57 14.27
C SER E 7 13.31 15.89 13.06
N GLY E 8 14.44 15.23 13.30
CA GLY E 8 15.18 14.58 12.22
C GLY E 8 14.48 13.33 11.70
N ALA E 9 15.05 12.78 10.64
CA ALA E 9 14.48 11.61 10.00
C ALA E 9 14.56 10.39 10.91
N GLU E 10 13.50 9.59 10.92
CA GLU E 10 13.39 8.41 11.77
C GLU E 10 13.41 7.15 10.90
N VAL E 11 14.13 6.14 11.36
CA VAL E 11 14.19 4.83 10.71
C VAL E 11 13.77 3.81 11.76
N LYS E 12 12.54 3.32 11.65
CA LYS E 12 11.98 2.38 12.62
C LYS E 12 11.76 1.02 11.97
N LYS E 13 11.58 0.01 12.83
CA LYS E 13 11.27 -1.34 12.39
C LYS E 13 9.82 -1.68 12.72
N PRO E 14 9.19 -2.58 11.98
CA PRO E 14 7.76 -2.85 12.18
C PRO E 14 7.44 -3.25 13.61
N GLY E 15 6.34 -2.71 14.14
CA GLY E 15 5.91 -2.96 15.49
C GLY E 15 6.22 -1.84 16.47
N SER E 16 7.22 -1.02 16.18
CA SER E 16 7.65 0.03 17.10
C SER E 16 6.77 1.27 16.90
N SER E 17 7.10 2.35 17.62
CA SER E 17 6.38 3.60 17.54
C SER E 17 7.37 4.73 17.26
N VAL E 18 6.84 5.91 16.93
CA VAL E 18 7.69 7.06 16.65
C VAL E 18 6.99 8.33 17.13
N LYS E 19 7.75 9.19 17.79
CA LYS E 19 7.27 10.51 18.21
C LYS E 19 8.01 11.58 17.42
N VAL E 20 7.27 12.37 16.65
CA VAL E 20 7.81 13.45 15.84
C VAL E 20 7.39 14.77 16.46
N SER E 21 8.36 15.68 16.62
CA SER E 21 8.13 16.98 17.23
C SER E 21 8.15 18.07 16.18
N CYS E 22 7.55 19.20 16.55
CA CYS E 22 7.42 20.37 15.67
C CYS E 22 7.55 21.59 16.56
N LYS E 23 8.71 22.25 16.51
CA LYS E 23 9.00 23.40 17.35
C LYS E 23 8.76 24.69 16.57
N SER E 24 8.10 25.65 17.23
CA SER E 24 7.80 26.95 16.65
C SER E 24 8.91 27.92 17.04
N SER E 25 9.80 28.22 16.10
CA SER E 25 10.91 29.14 16.33
C SER E 25 10.58 30.52 15.77
N GLY E 26 11.04 31.55 16.47
CA GLY E 26 10.75 32.92 16.08
C GLY E 26 9.40 33.43 16.51
N GLY E 27 8.87 32.90 17.61
CA GLY E 27 7.55 33.29 18.08
C GLY E 27 6.71 32.09 18.48
N THR E 28 5.63 32.34 19.20
CA THR E 28 4.76 31.26 19.64
C THR E 28 3.72 30.95 18.57
N SER E 29 3.10 29.77 18.70
CA SER E 29 2.02 29.33 17.82
C SER E 29 0.86 28.76 18.62
N ASN E 30 0.84 28.98 19.93
CA ASN E 30 -0.20 28.39 20.79
C ASN E 30 -1.57 28.93 20.45
N ASN E 31 -1.66 30.17 19.98
CA ASN E 31 -2.93 30.80 19.63
C ASN E 31 -3.46 30.32 18.28
N TYR E 32 -2.82 29.35 17.65
CA TYR E 32 -3.25 28.79 16.38
C TYR E 32 -3.43 27.29 16.52
N ALA E 33 -4.04 26.69 15.51
CA ALA E 33 -4.19 25.25 15.42
C ALA E 33 -3.12 24.68 14.49
N ILE E 34 -2.48 23.59 14.92
CA ILE E 34 -1.41 22.94 14.19
C ILE E 34 -1.88 21.54 13.82
N SER E 35 -1.88 21.22 12.53
CA SER E 35 -2.29 19.93 12.02
C SER E 35 -1.08 19.12 11.58
N TRP E 36 -1.26 17.80 11.57
CA TRP E 36 -0.25 16.86 11.12
C TRP E 36 -0.76 16.17 9.85
N VAL E 37 -0.04 16.36 8.75
CA VAL E 37 -0.43 15.81 7.45
C VAL E 37 0.71 14.93 6.95
N ARG E 38 0.39 13.68 6.63
CA ARG E 38 1.41 12.78 6.12
C ARG E 38 1.24 12.58 4.62
N GLN E 39 2.34 12.24 3.96
CA GLN E 39 2.38 12.04 2.52
C GLN E 39 3.22 10.79 2.24
N ALA E 40 2.56 9.73 1.78
CA ALA E 40 3.26 8.50 1.45
C ALA E 40 3.99 8.67 0.12
N PRO E 41 5.06 7.90 -0.11
CA PRO E 41 5.81 8.05 -1.37
C PRO E 41 4.98 7.73 -2.59
N GLY E 42 4.74 8.75 -3.43
CA GLY E 42 3.91 8.60 -4.60
C GLY E 42 2.45 8.92 -4.39
N GLN E 43 1.96 8.89 -3.16
CA GLN E 43 0.57 9.19 -2.86
C GLN E 43 0.38 10.68 -2.54
N GLY E 44 -0.84 11.03 -2.16
CA GLY E 44 -1.18 12.40 -1.86
C GLY E 44 -1.24 12.67 -0.36
N LEU E 45 -1.51 13.93 -0.04
CA LEU E 45 -1.58 14.35 1.35
C LEU E 45 -2.74 13.67 2.06
N ASP E 46 -2.55 13.40 3.35
CA ASP E 46 -3.56 12.73 4.16
C ASP E 46 -3.56 13.35 5.55
N TRP E 47 -4.72 13.85 5.99
CA TRP E 47 -4.83 14.50 7.29
C TRP E 47 -4.93 13.45 8.40
N MET E 48 -4.12 13.61 9.43
CA MET E 48 -4.10 12.71 10.57
C MET E 48 -4.73 13.29 11.82
N GLY E 49 -4.63 14.59 12.03
CA GLY E 49 -5.22 15.22 13.19
C GLY E 49 -4.64 16.61 13.37
N GLY E 50 -4.97 17.20 14.52
CA GLY E 50 -4.50 18.54 14.83
C GLY E 50 -4.75 18.88 16.29
N ILE E 51 -4.18 20.00 16.70
CA ILE E 51 -4.28 20.43 18.09
C ILE E 51 -4.24 21.95 18.14
N SER E 52 -5.15 22.51 18.94
CA SER E 52 -5.14 23.92 19.32
C SER E 52 -4.98 23.97 20.83
N PRO E 53 -3.78 24.25 21.35
CA PRO E 53 -3.52 24.07 22.78
C PRO E 53 -4.31 25.01 23.68
N ILE E 54 -4.29 26.31 23.38
CA ILE E 54 -4.96 27.28 24.24
C ILE E 54 -6.48 27.11 24.17
N PHE E 55 -7.00 26.88 22.96
CA PHE E 55 -8.44 26.64 22.82
C PHE E 55 -8.86 25.32 23.44
N GLY E 56 -7.92 24.41 23.69
CA GLY E 56 -8.25 23.13 24.28
C GLY E 56 -8.87 22.15 23.33
N SER E 57 -8.34 22.03 22.11
CA SER E 57 -8.89 21.16 21.09
C SER E 57 -7.83 20.16 20.64
N THR E 58 -8.21 18.89 20.56
CA THR E 58 -7.36 17.83 20.05
C THR E 58 -8.21 16.98 19.11
N ALA E 59 -8.10 17.21 17.81
CA ALA E 59 -8.89 16.52 16.81
C ALA E 59 -8.07 15.38 16.19
N TYR E 60 -8.73 14.24 15.97
CA TYR E 60 -8.11 13.10 15.33
C TYR E 60 -8.94 12.69 14.13
N ALA E 61 -8.27 12.34 13.04
CA ALA E 61 -8.97 11.75 11.90
C ALA E 61 -9.40 10.33 12.24
N GLN E 62 -10.58 9.95 11.75
CA GLN E 62 -11.13 8.65 12.14
C GLN E 62 -10.27 7.48 11.67
N LYS E 63 -9.46 7.67 10.63
CA LYS E 63 -8.59 6.61 10.16
C LYS E 63 -7.39 6.38 11.08
N PHE E 64 -7.04 7.35 11.92
CA PHE E 64 -5.89 7.26 12.80
C PHE E 64 -6.28 7.35 14.28
N GLN E 65 -7.57 7.17 14.60
CA GLN E 65 -8.04 7.40 15.96
C GLN E 65 -7.36 6.48 16.95
N GLY E 66 -7.19 5.21 16.60
CA GLY E 66 -6.67 4.22 17.52
C GLY E 66 -5.16 4.13 17.63
N ARG E 67 -4.40 4.87 16.82
CA ARG E 67 -2.95 4.77 16.83
C ARG E 67 -2.21 6.08 17.05
N VAL E 68 -2.83 7.23 16.84
CA VAL E 68 -2.16 8.52 16.87
C VAL E 68 -2.51 9.26 18.16
N THR E 69 -1.49 9.79 18.83
CA THR E 69 -1.67 10.67 19.97
C THR E 69 -0.99 12.01 19.65
N ILE E 70 -1.78 13.07 19.57
CA ILE E 70 -1.29 14.41 19.29
C ILE E 70 -1.34 15.22 20.58
N SER E 71 -0.20 15.77 20.98
CA SER E 71 -0.08 16.56 22.20
C SER E 71 0.66 17.85 21.91
N ALA E 72 0.74 18.73 22.91
CA ALA E 72 1.42 20.00 22.74
C ALA E 72 1.94 20.49 24.09
N ASP E 73 3.21 20.92 24.11
CA ASP E 73 3.79 21.60 25.25
C ASP E 73 3.77 23.10 24.96
N ILE E 74 3.00 23.84 25.77
CA ILE E 74 2.80 25.26 25.51
C ILE E 74 3.95 26.11 26.03
N PHE E 75 4.69 25.66 27.04
CA PHE E 75 5.77 26.46 27.60
C PHE E 75 7.06 26.34 26.81
N SER E 76 7.17 25.33 25.94
CA SER E 76 8.25 25.24 24.98
C SER E 76 7.80 25.54 23.56
N ASN E 77 6.51 25.81 23.36
CA ASN E 77 5.95 26.09 22.04
C ASN E 77 6.25 24.96 21.06
N THR E 78 5.83 23.75 21.44
CA THR E 78 6.13 22.57 20.63
C THR E 78 4.89 21.69 20.51
N ALA E 79 4.72 21.10 19.33
CA ALA E 79 3.68 20.11 19.08
C ALA E 79 4.32 18.74 18.90
N TYR E 80 3.58 17.69 19.25
CA TYR E 80 4.10 16.33 19.19
C TYR E 80 3.04 15.41 18.60
N MET E 81 3.48 14.51 17.72
CA MET E 81 2.63 13.46 17.18
C MET E 81 3.32 12.13 17.41
N GLU E 82 2.65 11.23 18.14
CA GLU E 82 3.16 9.88 18.36
C GLU E 82 2.29 8.90 17.60
N LEU E 83 2.92 8.11 16.72
CA LEU E 83 2.25 7.08 15.94
C LEU E 83 2.76 5.72 16.39
N ASN E 84 1.83 4.85 16.78
CA ASN E 84 2.15 3.51 17.27
C ASN E 84 1.77 2.47 16.21
N SER E 85 2.22 1.24 16.45
CA SER E 85 1.89 0.09 15.60
C SER E 85 2.31 0.34 14.15
N LEU E 86 3.61 0.60 13.98
CA LEU E 86 4.13 0.99 12.67
C LEU E 86 4.25 -0.22 11.75
N THR E 87 3.74 -0.08 10.53
CA THR E 87 3.89 -1.06 9.48
C THR E 87 4.61 -0.40 8.31
N SER E 88 4.93 -1.21 7.30
CA SER E 88 5.61 -0.67 6.12
C SER E 88 4.74 0.31 5.36
N GLU E 89 3.43 0.31 5.58
CA GLU E 89 2.54 1.27 4.95
C GLU E 89 2.55 2.62 5.67
N ASP E 90 3.38 2.79 6.70
CA ASP E 90 3.49 4.05 7.41
C ASP E 90 4.72 4.85 7.00
N THR E 91 5.57 4.32 6.11
CA THR E 91 6.70 5.10 5.62
C THR E 91 6.18 6.29 4.83
N ALA E 92 6.55 7.49 5.25
CA ALA E 92 6.00 8.69 4.63
C ALA E 92 6.76 9.91 5.15
N VAL E 93 6.45 11.06 4.56
CA VAL E 93 6.93 12.35 5.05
C VAL E 93 5.81 12.99 5.84
N TYR E 94 6.08 13.34 7.10
CA TYR E 94 5.10 13.91 8.01
C TYR E 94 5.38 15.39 8.17
N PHE E 95 4.39 16.22 7.86
CA PHE E 95 4.50 17.67 7.98
C PHE E 95 3.60 18.15 9.12
N CYS E 96 4.06 19.17 9.83
CA CYS E 96 3.20 19.98 10.67
C CYS E 96 2.89 21.28 9.94
N ALA E 97 1.65 21.76 10.12
CA ALA E 97 1.18 22.94 9.41
C ALA E 97 0.31 23.78 10.33
N ARG E 98 0.63 25.07 10.44
CA ARG E 98 -0.12 25.99 11.28
C ARG E 98 -1.27 26.61 10.49
N HIS E 99 -2.45 26.65 11.10
CA HIS E 99 -3.62 27.21 10.45
C HIS E 99 -3.62 28.73 10.58
N GLY E 100 -4.61 29.36 9.96
CA GLY E 100 -4.74 30.81 10.02
C GLY E 100 -5.28 31.29 11.35
N ASN E 101 -6.31 30.61 11.86
CA ASN E 101 -6.91 30.95 13.15
C ASN E 101 -6.72 29.77 14.11
N TYR E 102 -7.41 29.85 15.24
CA TYR E 102 -7.28 28.85 16.31
C TYR E 102 -7.94 27.52 15.98
N TYR E 103 -8.59 27.36 14.83
CA TYR E 103 -9.25 26.10 14.49
C TYR E 103 -8.77 25.60 13.13
N TYR E 104 -9.25 24.42 12.76
CA TYR E 104 -8.74 23.69 11.60
C TYR E 104 -9.45 24.04 10.31
N TYR E 105 -10.42 24.95 10.34
CA TYR E 105 -11.15 25.32 9.13
C TYR E 105 -10.36 26.22 8.19
N SER E 106 -9.25 26.77 8.64
CA SER E 106 -8.51 27.75 7.85
C SER E 106 -7.47 27.05 6.96
N GLY E 107 -6.87 27.85 6.08
CA GLY E 107 -5.74 27.36 5.31
C GLY E 107 -4.51 27.21 6.17
N MET E 108 -3.59 26.36 5.71
CA MET E 108 -2.34 26.08 6.43
C MET E 108 -1.22 26.82 5.71
N ASP E 109 -0.93 28.04 6.18
CA ASP E 109 0.00 28.93 5.50
C ASP E 109 1.45 28.71 5.92
N VAL E 110 1.71 28.15 7.09
CA VAL E 110 3.06 27.89 7.57
C VAL E 110 3.24 26.39 7.68
N TRP E 111 4.32 25.87 7.06
CA TRP E 111 4.58 24.44 7.02
C TRP E 111 6.00 24.16 7.50
N GLY E 112 6.18 22.97 8.08
CA GLY E 112 7.51 22.53 8.45
C GLY E 112 8.26 21.91 7.29
N GLN E 113 9.55 21.67 7.50
CA GLN E 113 10.37 21.12 6.42
C GLN E 113 10.03 19.66 6.14
N GLY E 114 9.36 18.98 7.06
CA GLY E 114 8.97 17.59 6.85
C GLY E 114 9.91 16.60 7.50
N THR E 115 9.36 15.58 8.15
CA THR E 115 10.14 14.53 8.79
C THR E 115 9.91 13.23 8.02
N THR E 116 11.00 12.64 7.52
CA THR E 116 10.93 11.38 6.80
C THR E 116 10.96 10.23 7.78
N VAL E 117 9.92 9.38 7.76
CA VAL E 117 9.83 8.22 8.62
C VAL E 117 9.83 6.98 7.72
N THR E 118 10.85 6.14 7.90
CA THR E 118 11.03 4.93 7.10
C THR E 118 10.83 3.72 8.00
N VAL E 119 9.80 2.94 7.72
CA VAL E 119 9.47 1.74 8.49
C VAL E 119 9.79 0.53 7.62
N SER E 120 10.85 -0.19 7.97
CA SER E 120 11.30 -1.32 7.17
C SER E 120 11.84 -2.41 8.08
N SER E 121 11.70 -3.66 7.62
CA SER E 121 12.22 -4.80 8.35
C SER E 121 13.73 -4.93 8.23
N ALA E 122 14.35 -4.22 7.29
CA ALA E 122 15.79 -4.33 7.10
C ALA E 122 16.53 -3.69 8.27
N SER E 123 17.76 -4.15 8.49
CA SER E 123 18.65 -3.59 9.49
C SER E 123 19.78 -2.82 8.82
N THR E 124 20.41 -1.95 9.60
CA THR E 124 21.46 -1.09 9.07
C THR E 124 22.59 -1.94 8.50
N LYS E 125 22.94 -1.68 7.23
CA LYS E 125 24.00 -2.41 6.57
C LYS E 125 24.82 -1.47 5.71
N GLY E 126 26.13 -1.61 5.78
CA GLY E 126 27.03 -0.84 4.96
C GLY E 126 27.01 -1.30 3.51
N PRO E 127 27.35 -0.40 2.60
CA PRO E 127 27.29 -0.73 1.18
C PRO E 127 28.51 -1.49 0.69
N SER E 128 28.32 -2.16 -0.44
CA SER E 128 29.40 -2.77 -1.20
C SER E 128 29.69 -1.89 -2.41
N VAL E 129 30.95 -1.48 -2.56
CA VAL E 129 31.36 -0.57 -3.61
C VAL E 129 32.15 -1.35 -4.65
N PHE E 130 31.64 -1.36 -5.89
CA PHE E 130 32.34 -2.04 -6.96
C PHE E 130 32.67 -1.05 -8.07
N PRO E 131 33.82 -1.19 -8.72
CA PRO E 131 34.17 -0.28 -9.81
C PRO E 131 33.51 -0.69 -11.12
N LEU E 132 33.09 0.32 -11.89
CA LEU E 132 32.53 0.14 -13.23
C LEU E 132 33.50 0.81 -14.19
N ALA E 133 34.43 0.01 -14.78
CA ALA E 133 35.52 0.46 -15.62
C ALA E 133 35.05 0.68 -17.06
N PRO E 134 35.66 1.63 -17.77
CA PRO E 134 35.30 1.92 -19.17
C PRO E 134 35.75 0.83 -20.12
N GLY E 142 37.08 9.40 -28.19
CA GLY E 142 37.59 10.57 -27.49
C GLY E 142 37.04 10.71 -26.08
N THR E 143 35.85 10.17 -25.85
CA THR E 143 35.18 10.24 -24.56
C THR E 143 35.03 8.84 -23.96
N ALA E 144 34.86 8.80 -22.64
CA ALA E 144 34.64 7.54 -21.95
C ALA E 144 33.85 7.82 -20.67
N ALA E 145 33.30 6.75 -20.10
CA ALA E 145 32.49 6.84 -18.89
C ALA E 145 32.97 5.80 -17.89
N LEU E 146 33.10 6.21 -16.63
CA LEU E 146 33.54 5.29 -15.59
C LEU E 146 32.87 5.67 -14.28
N GLY E 147 32.55 4.67 -13.47
CA GLY E 147 31.86 4.99 -12.23
C GLY E 147 32.06 3.95 -11.15
N CYS E 148 31.21 4.05 -10.14
CA CYS E 148 31.16 3.04 -9.09
C CYS E 148 29.71 2.70 -8.78
N LEU E 149 29.49 1.42 -8.50
CA LEU E 149 28.19 0.89 -8.12
C LEU E 149 28.19 0.66 -6.61
N VAL E 150 27.25 1.31 -5.92
CA VAL E 150 27.10 1.23 -4.47
C VAL E 150 25.85 0.39 -4.21
N LYS E 151 26.04 -0.87 -3.83
CA LYS E 151 24.95 -1.84 -3.80
C LYS E 151 24.72 -2.39 -2.40
N ASP E 152 23.45 -2.68 -2.10
CA ASP E 152 23.04 -3.41 -0.89
C ASP E 152 23.44 -2.64 0.38
N TYR E 153 22.82 -1.46 0.54
CA TYR E 153 22.98 -0.68 1.76
C TYR E 153 21.61 -0.27 2.28
N PHE E 154 21.57 0.12 3.55
CA PHE E 154 20.35 0.59 4.20
C PHE E 154 20.71 1.27 5.51
N PRO E 155 20.07 2.39 5.86
CA PRO E 155 19.09 3.10 5.04
C PRO E 155 19.70 4.24 4.24
N GLU E 156 18.85 5.09 3.67
CA GLU E 156 19.32 6.30 3.02
C GLU E 156 19.90 7.25 4.07
N PRO E 157 20.84 8.12 3.67
CA PRO E 157 21.43 8.25 2.33
C PRO E 157 22.87 7.79 2.23
N VAL E 158 23.39 7.78 1.01
CA VAL E 158 24.79 7.51 0.72
C VAL E 158 25.31 8.64 -0.16
N THR E 159 26.48 9.18 0.19
CA THR E 159 27.05 10.32 -0.53
C THR E 159 28.38 9.91 -1.16
N VAL E 160 28.51 10.16 -2.46
CA VAL E 160 29.71 9.78 -3.20
C VAL E 160 30.39 11.03 -3.73
N SER E 161 31.72 11.00 -3.72
CA SER E 161 32.56 12.05 -4.29
C SER E 161 33.64 11.42 -5.14
N TRP E 162 34.34 12.23 -5.91
CA TRP E 162 35.37 11.76 -6.80
C TRP E 162 36.67 12.51 -6.53
N ASN E 163 37.76 11.76 -6.37
CA ASN E 163 39.09 12.33 -6.15
C ASN E 163 39.09 13.29 -4.96
N SER E 164 38.47 12.85 -3.87
CA SER E 164 38.37 13.65 -2.64
C SER E 164 37.74 15.02 -2.91
N GLY E 165 36.73 15.05 -3.78
CA GLY E 165 36.03 16.27 -4.07
C GLY E 165 36.69 17.18 -5.08
N ALA E 166 37.78 16.74 -5.71
CA ALA E 166 38.43 17.58 -6.70
C ALA E 166 37.73 17.52 -8.05
N LEU E 167 37.22 16.35 -8.41
CA LEU E 167 36.55 16.14 -9.69
C LEU E 167 35.05 16.32 -9.50
N THR E 168 34.50 17.37 -10.12
CA THR E 168 33.07 17.63 -10.07
C THR E 168 32.43 17.81 -11.44
N SER E 169 33.20 18.08 -12.49
CA SER E 169 32.64 18.28 -13.82
C SER E 169 32.43 16.93 -14.50
N GLY E 170 31.22 16.70 -14.98
CA GLY E 170 30.87 15.44 -15.63
C GLY E 170 30.36 14.36 -14.70
N VAL E 171 30.35 14.61 -13.39
CA VAL E 171 29.84 13.63 -12.44
C VAL E 171 28.32 13.57 -12.52
N HIS E 172 27.78 12.37 -12.38
CA HIS E 172 26.34 12.15 -12.38
C HIS E 172 26.06 11.00 -11.43
N THR E 173 25.41 11.30 -10.31
CA THR E 173 25.06 10.30 -9.30
C THR E 173 23.58 10.02 -9.44
N PHE E 174 23.25 8.87 -10.02
CA PHE E 174 21.86 8.53 -10.26
C PHE E 174 21.15 8.29 -8.93
N PRO E 175 19.86 8.61 -8.85
CA PRO E 175 19.10 8.30 -7.63
C PRO E 175 19.06 6.80 -7.37
N ALA E 176 19.08 6.45 -6.09
CA ALA E 176 19.12 5.04 -5.71
C ALA E 176 17.80 4.36 -6.00
N VAL E 177 17.84 3.03 -6.06
CA VAL E 177 16.66 2.21 -6.25
C VAL E 177 16.39 1.45 -4.96
N LEU E 178 15.12 1.37 -4.58
CA LEU E 178 14.71 0.57 -3.43
C LEU E 178 14.39 -0.83 -3.95
N GLN E 179 15.36 -1.73 -3.84
CA GLN E 179 15.20 -3.09 -4.33
C GLN E 179 14.10 -3.82 -3.56
N SER E 180 13.55 -4.87 -4.19
CA SER E 180 12.50 -5.65 -3.57
C SER E 180 12.98 -6.35 -2.30
N SER E 181 14.30 -6.55 -2.16
CA SER E 181 14.86 -7.12 -0.94
C SER E 181 14.80 -6.16 0.24
N GLY E 182 14.53 -4.88 0.00
CA GLY E 182 14.51 -3.88 1.04
C GLY E 182 15.77 -3.04 1.13
N LEU E 183 16.80 -3.39 0.39
CA LEU E 183 18.06 -2.66 0.40
C LEU E 183 18.14 -1.72 -0.80
N TYR E 184 19.04 -0.74 -0.70
CA TYR E 184 19.20 0.29 -1.71
C TYR E 184 20.46 0.04 -2.55
N SER E 185 20.43 0.58 -3.77
CA SER E 185 21.58 0.54 -4.65
C SER E 185 21.54 1.77 -5.55
N LEU E 186 22.70 2.36 -5.79
CA LEU E 186 22.83 3.48 -6.72
C LEU E 186 24.12 3.30 -7.52
N SER E 187 24.29 4.18 -8.50
CA SER E 187 25.48 4.16 -9.34
C SER E 187 25.87 5.60 -9.66
N SER E 188 27.15 5.93 -9.50
CA SER E 188 27.65 7.26 -9.80
C SER E 188 28.72 7.15 -10.87
N VAL E 189 28.51 7.80 -12.01
CA VAL E 189 29.42 7.71 -13.14
C VAL E 189 29.84 9.11 -13.56
N VAL E 190 31.08 9.22 -14.02
CA VAL E 190 31.62 10.47 -14.54
C VAL E 190 32.10 10.22 -15.97
N THR E 191 31.85 11.20 -16.83
CA THR E 191 32.31 11.18 -18.22
C THR E 191 33.64 11.93 -18.29
N VAL E 192 34.67 11.25 -18.78
CA VAL E 192 36.02 11.82 -18.83
C VAL E 192 36.53 11.73 -20.25
N PRO E 193 37.57 12.51 -20.58
CA PRO E 193 38.29 12.28 -21.83
C PRO E 193 39.15 11.03 -21.71
N SER E 194 39.07 10.16 -22.73
CA SER E 194 39.81 8.91 -22.71
C SER E 194 41.33 9.11 -22.76
N SER E 195 41.80 10.35 -22.89
CA SER E 195 43.24 10.59 -22.83
C SER E 195 43.74 10.44 -21.39
N SER E 196 43.12 11.19 -20.47
CA SER E 196 43.51 11.13 -19.06
C SER E 196 43.41 9.73 -18.47
N LEU E 197 42.72 8.81 -19.15
CA LEU E 197 42.69 7.42 -18.70
C LEU E 197 44.09 6.82 -18.64
N GLY E 198 45.08 7.44 -19.26
CA GLY E 198 46.44 6.99 -19.09
C GLY E 198 47.20 7.85 -18.10
N THR E 199 46.80 9.11 -17.98
CA THR E 199 47.54 10.05 -17.16
C THR E 199 47.15 9.97 -15.69
N GLN E 200 45.89 10.27 -15.37
CA GLN E 200 45.44 10.43 -14.01
C GLN E 200 44.54 9.28 -13.58
N THR E 201 44.49 9.06 -12.27
CA THR E 201 43.70 8.00 -11.67
C THR E 201 42.42 8.55 -11.06
N TYR E 202 41.36 7.75 -11.12
CA TYR E 202 40.03 8.15 -10.64
C TYR E 202 39.63 7.24 -9.49
N ILE E 203 39.34 7.84 -8.33
CA ILE E 203 38.94 7.12 -7.13
C ILE E 203 37.58 7.64 -6.69
N CYS E 204 36.67 6.73 -6.38
CA CYS E 204 35.32 7.05 -5.93
C CYS E 204 35.22 6.82 -4.42
N ASN E 205 34.74 7.84 -3.71
CA ASN E 205 34.66 7.83 -2.25
C ASN E 205 33.19 7.78 -1.84
N VAL E 206 32.82 6.70 -1.16
CA VAL E 206 31.44 6.45 -0.73
C VAL E 206 31.36 6.61 0.78
N ASN E 207 30.35 7.35 1.24
CA ASN E 207 30.09 7.57 2.65
C ASN E 207 28.68 7.12 2.98
N HIS E 208 28.55 6.29 4.02
CA HIS E 208 27.26 5.85 4.55
C HIS E 208 27.30 6.14 6.05
N LYS E 209 26.75 7.29 6.44
CA LYS E 209 26.79 7.70 7.84
C LYS E 209 26.00 6.79 8.78
N PRO E 210 24.82 6.26 8.43
CA PRO E 210 24.11 5.37 9.37
C PRO E 210 24.93 4.17 9.84
N SER E 211 25.89 3.71 9.03
CA SER E 211 26.78 2.64 9.44
C SER E 211 28.22 3.11 9.66
N ASN E 212 28.47 4.41 9.52
CA ASN E 212 29.82 4.98 9.63
C ASN E 212 30.79 4.26 8.70
N THR E 213 30.36 4.06 7.47
CA THR E 213 31.13 3.34 6.47
C THR E 213 31.76 4.33 5.51
N LYS E 214 33.09 4.27 5.39
CA LYS E 214 33.85 5.09 4.46
C LYS E 214 34.65 4.16 3.55
N VAL E 215 34.30 4.15 2.26
CA VAL E 215 34.95 3.26 1.29
C VAL E 215 35.58 4.12 0.20
N ASP E 216 36.73 3.69 -0.29
CA ASP E 216 37.38 4.31 -1.45
C ASP E 216 37.70 3.21 -2.45
N LYS E 217 37.40 3.46 -3.73
CA LYS E 217 37.55 2.45 -4.77
C LYS E 217 38.24 3.05 -5.98
N ARG E 218 39.35 2.42 -6.38
CA ARG E 218 40.02 2.82 -7.62
C ARG E 218 39.27 2.27 -8.82
N VAL E 219 39.07 3.11 -9.83
CA VAL E 219 38.29 2.77 -11.01
C VAL E 219 39.12 3.10 -12.24
N GLU E 220 39.73 2.09 -12.85
CA GLU E 220 40.43 2.23 -14.12
C GLU E 220 40.69 0.87 -14.72
N PRO E 221 40.78 0.75 -16.06
CA PRO E 221 41.01 -0.54 -16.73
C PRO E 221 42.28 -1.25 -16.28
N SER F 2 -10.32 9.13 -0.80
CA SER F 2 -10.36 10.56 -1.10
C SER F 2 -11.80 11.06 -1.19
N ALA F 3 -12.21 11.87 -0.21
CA ALA F 3 -13.55 12.45 -0.25
C ALA F 3 -13.69 13.45 -1.40
N LEU F 4 -12.62 14.13 -1.75
CA LEU F 4 -12.59 15.04 -2.89
C LEU F 4 -11.89 14.37 -4.06
N THR F 5 -12.39 14.60 -5.26
CA THR F 5 -11.87 13.97 -6.47
C THR F 5 -11.35 15.04 -7.42
N GLN F 6 -10.07 14.93 -7.79
CA GLN F 6 -9.44 15.78 -8.77
C GLN F 6 -9.00 14.96 -9.97
N PRO F 7 -8.88 15.56 -11.14
CA PRO F 7 -8.26 14.88 -12.28
C PRO F 7 -6.83 14.51 -11.95
N PRO F 8 -6.42 13.27 -12.23
CA PRO F 8 -5.06 12.84 -11.84
C PRO F 8 -3.95 13.61 -12.54
N ALA F 9 -4.20 14.18 -13.71
CA ALA F 9 -3.17 14.93 -14.42
C ALA F 9 -3.81 15.81 -15.48
N VAL F 10 -3.30 17.03 -15.60
CA VAL F 10 -3.63 17.93 -16.70
C VAL F 10 -2.34 18.55 -17.23
N SER F 11 -2.43 19.15 -18.41
CA SER F 11 -1.25 19.72 -19.05
C SER F 11 -1.63 21.01 -19.77
N GLY F 12 -0.60 21.72 -20.23
CA GLY F 12 -0.80 22.95 -20.95
C GLY F 12 0.51 23.48 -21.48
N THR F 13 0.41 24.35 -22.49
CA THR F 13 1.55 25.00 -23.10
C THR F 13 1.88 26.30 -22.36
N PRO F 14 3.11 26.80 -22.51
CA PRO F 14 3.46 28.06 -21.86
C PRO F 14 2.58 29.21 -22.36
N GLY F 15 2.07 29.99 -21.42
CA GLY F 15 1.15 31.07 -21.73
C GLY F 15 -0.31 30.67 -21.79
N GLN F 16 -0.61 29.37 -21.75
CA GLN F 16 -1.97 28.89 -21.83
C GLN F 16 -2.68 29.10 -20.49
N ARG F 17 -3.96 28.75 -20.43
CA ARG F 17 -4.76 28.83 -19.23
C ARG F 17 -5.27 27.44 -18.88
N VAL F 18 -5.07 27.04 -17.62
CA VAL F 18 -5.35 25.69 -17.16
C VAL F 18 -6.30 25.76 -15.97
N THR F 19 -7.25 24.84 -15.90
CA THR F 19 -8.21 24.75 -14.81
C THR F 19 -8.12 23.39 -14.15
N ILE F 20 -8.09 23.38 -12.83
CA ILE F 20 -8.10 22.17 -12.02
C ILE F 20 -9.46 22.11 -11.34
N SER F 21 -10.25 21.10 -11.69
CA SER F 21 -11.55 20.90 -11.06
C SER F 21 -11.40 20.02 -9.81
N CYS F 22 -12.33 20.19 -8.87
CA CYS F 22 -12.30 19.41 -7.64
C CYS F 22 -13.73 19.35 -7.11
N SER F 23 -14.37 18.21 -7.29
CA SER F 23 -15.77 18.03 -6.91
C SER F 23 -15.87 17.20 -5.64
N GLY F 24 -16.71 17.66 -4.72
CA GLY F 24 -16.98 16.93 -3.49
C GLY F 24 -18.45 16.62 -3.33
N SER F 25 -19.05 17.09 -2.25
CA SER F 25 -20.48 16.91 -1.99
C SER F 25 -20.91 17.94 -0.96
N ASP F 26 -22.18 17.86 -0.55
CA ASP F 26 -22.70 18.78 0.44
C ASP F 26 -22.05 18.57 1.81
N SER F 27 -21.38 17.43 2.02
CA SER F 27 -20.79 17.15 3.32
C SER F 27 -19.55 18.01 3.57
N ASN F 28 -18.74 18.25 2.53
CA ASN F 28 -17.48 18.95 2.66
C ASN F 28 -17.47 20.30 1.94
N ILE F 29 -17.69 20.30 0.63
CA ILE F 29 -17.63 21.55 -0.13
C ILE F 29 -18.95 22.32 -0.07
N GLY F 30 -20.08 21.61 -0.05
CA GLY F 30 -21.38 22.28 -0.03
C GLY F 30 -21.63 23.11 1.20
N ARG F 31 -20.88 22.88 2.28
CA ARG F 31 -21.08 23.63 3.51
C ARG F 31 -19.86 24.47 3.90
N ARG F 32 -18.65 23.94 3.72
CA ARG F 32 -17.43 24.61 4.14
C ARG F 32 -16.64 25.08 2.93
N SER F 33 -15.62 25.90 3.21
CA SER F 33 -14.78 26.48 2.16
C SER F 33 -13.65 25.51 1.79
N VAL F 34 -13.07 25.76 0.61
CA VAL F 34 -12.05 24.90 0.02
C VAL F 34 -10.72 25.65 0.00
N ASN F 35 -9.64 24.95 0.33
CA ASN F 35 -8.29 25.48 0.24
C ASN F 35 -7.52 24.74 -0.85
N TRP F 36 -6.57 25.46 -1.47
CA TRP F 36 -5.75 24.92 -2.54
C TRP F 36 -4.28 25.03 -2.15
N TYR F 37 -3.56 23.91 -2.25
CA TYR F 37 -2.14 23.83 -1.90
C TYR F 37 -1.34 23.36 -3.09
N GLN F 38 -0.14 23.94 -3.24
CA GLN F 38 0.79 23.59 -4.30
C GLN F 38 2.04 22.94 -3.69
N GLN F 39 2.53 21.89 -4.33
CA GLN F 39 3.69 21.16 -3.83
C GLN F 39 4.62 20.80 -4.96
N PHE F 40 5.89 21.14 -4.80
CA PHE F 40 6.95 20.74 -5.71
C PHE F 40 7.61 19.46 -5.21
N PRO F 41 8.19 18.66 -6.11
CA PRO F 41 8.83 17.41 -5.68
C PRO F 41 9.94 17.67 -4.68
N GLY F 42 9.76 17.15 -3.46
CA GLY F 42 10.74 17.21 -2.41
C GLY F 42 10.45 18.26 -1.34
N THR F 43 9.82 19.36 -1.71
CA THR F 43 9.59 20.45 -0.77
C THR F 43 8.24 20.29 -0.07
N ALA F 44 8.00 21.17 0.90
CA ALA F 44 6.76 21.17 1.64
C ALA F 44 5.66 21.88 0.85
N PRO F 45 4.39 21.50 1.06
CA PRO F 45 3.30 22.19 0.36
C PRO F 45 3.22 23.65 0.77
N LYS F 46 2.69 24.46 -0.14
CA LYS F 46 2.54 25.90 0.06
C LYS F 46 1.06 26.26 -0.09
N LEU F 47 0.55 27.05 0.85
CA LEU F 47 -0.83 27.52 0.76
C LEU F 47 -0.98 28.42 -0.47
N LEU F 48 -1.83 28.01 -1.39
CA LEU F 48 -2.05 28.75 -2.64
C LEU F 48 -3.33 29.56 -2.63
N ILE F 49 -4.44 28.96 -2.16
CA ILE F 49 -5.74 29.62 -2.13
C ILE F 49 -6.44 29.25 -0.82
N TYR F 50 -7.08 30.25 -0.19
CA TYR F 50 -7.92 30.00 0.97
C TYR F 50 -9.23 30.77 0.81
N SER F 51 -10.27 30.24 1.45
CA SER F 51 -11.64 30.79 1.37
C SER F 51 -12.17 30.79 -0.06
N ASN F 52 -11.60 29.94 -0.92
CA ASN F 52 -12.03 29.67 -2.28
C ASN F 52 -11.75 30.80 -3.26
N ASP F 53 -11.38 31.98 -2.77
CA ASP F 53 -11.10 33.10 -3.67
C ASP F 53 -9.92 33.97 -3.26
N GLN F 54 -9.31 33.74 -2.10
CA GLN F 54 -8.29 34.62 -1.59
C GLN F 54 -6.90 34.07 -1.87
N ARG F 55 -5.93 34.97 -1.93
CA ARG F 55 -4.55 34.58 -2.15
C ARG F 55 -3.66 35.19 -1.07
N PRO F 56 -2.60 34.49 -0.68
CA PRO F 56 -1.54 35.14 0.10
C PRO F 56 -0.89 36.24 -0.72
N SER F 57 -0.35 37.24 -0.02
CA SER F 57 0.22 38.41 -0.69
C SER F 57 1.41 38.05 -1.58
N VAL F 58 2.08 36.94 -1.31
CA VAL F 58 3.24 36.55 -2.09
C VAL F 58 2.90 35.60 -3.25
N VAL F 59 1.75 34.95 -3.19
CA VAL F 59 1.33 34.08 -4.30
C VAL F 59 0.98 34.93 -5.51
N PRO F 60 1.51 34.63 -6.70
CA PRO F 60 1.25 35.48 -7.87
C PRO F 60 -0.24 35.58 -8.19
N ASP F 61 -0.59 36.65 -8.88
CA ASP F 61 -1.96 36.91 -9.30
C ASP F 61 -2.44 35.97 -10.40
N ARG F 62 -1.55 35.17 -10.98
CA ARG F 62 -1.94 34.26 -12.05
C ARG F 62 -2.84 33.14 -11.55
N PHE F 63 -2.86 32.88 -10.25
CA PHE F 63 -3.72 31.85 -9.67
C PHE F 63 -5.02 32.47 -9.19
N SER F 64 -6.12 31.74 -9.37
CA SER F 64 -7.42 32.22 -8.93
C SER F 64 -8.27 31.04 -8.49
N GLY F 65 -9.10 31.27 -7.48
CA GLY F 65 -10.00 30.24 -7.03
C GLY F 65 -11.44 30.50 -7.40
N SER F 66 -12.26 29.45 -7.42
CA SER F 66 -13.69 29.59 -7.64
C SER F 66 -14.39 28.41 -6.99
N LYS F 67 -15.65 28.64 -6.58
CA LYS F 67 -16.45 27.58 -5.98
C LYS F 67 -17.90 27.77 -6.37
N SER F 68 -18.58 26.66 -6.66
CA SER F 68 -20.01 26.67 -6.96
C SER F 68 -20.59 25.33 -6.55
N GLY F 69 -21.61 25.36 -5.69
CA GLY F 69 -22.27 24.17 -5.25
C GLY F 69 -21.34 23.18 -4.58
N THR F 70 -21.06 22.06 -5.27
CA THR F 70 -20.21 21.02 -4.74
C THR F 70 -18.87 20.92 -5.47
N SER F 71 -18.56 21.89 -6.33
CA SER F 71 -17.34 21.83 -7.13
C SER F 71 -16.57 23.13 -7.00
N ALA F 72 -15.29 23.03 -6.68
CA ALA F 72 -14.36 24.14 -6.73
C ALA F 72 -13.41 23.98 -7.91
N SER F 73 -12.71 25.05 -8.24
CA SER F 73 -11.78 25.03 -9.35
C SER F 73 -10.67 26.06 -9.11
N LEU F 74 -9.45 25.66 -9.48
CA LEU F 74 -8.28 26.52 -9.42
C LEU F 74 -7.81 26.81 -10.83
N ALA F 75 -7.79 28.09 -11.20
CA ALA F 75 -7.40 28.51 -12.54
C ALA F 75 -6.03 29.15 -12.51
N ILE F 76 -5.23 28.86 -13.54
CA ILE F 76 -3.90 29.41 -13.73
C ILE F 76 -3.84 29.99 -15.13
N SER F 77 -3.74 31.32 -15.23
CA SER F 77 -3.58 32.00 -16.50
C SER F 77 -2.14 32.43 -16.67
N GLY F 78 -1.69 32.45 -17.93
CA GLY F 78 -0.29 32.69 -18.20
C GLY F 78 0.58 31.62 -17.59
N LEU F 79 0.38 30.38 -18.05
CA LEU F 79 1.04 29.23 -17.45
C LEU F 79 2.56 29.35 -17.56
N GLN F 80 3.24 29.22 -16.44
CA GLN F 80 4.70 29.27 -16.39
C GLN F 80 5.28 27.88 -16.19
N SER F 81 6.50 27.69 -16.68
CA SER F 81 7.15 26.38 -16.57
C SER F 81 7.41 26.01 -15.11
N GLU F 82 7.55 27.00 -14.24
CA GLU F 82 7.76 26.75 -12.81
C GLU F 82 6.47 26.44 -12.08
N ASP F 83 5.34 26.31 -12.77
CA ASP F 83 4.09 25.91 -12.15
C ASP F 83 3.84 24.41 -12.26
N GLU F 84 4.68 23.68 -12.98
CA GLU F 84 4.58 22.22 -13.07
C GLU F 84 4.79 21.63 -11.69
N ALA F 85 3.73 21.08 -11.09
CA ALA F 85 3.77 20.67 -9.69
C ALA F 85 2.47 19.93 -9.37
N GLU F 86 2.36 19.49 -8.11
CA GLU F 86 1.17 18.79 -7.65
C GLU F 86 0.24 19.78 -6.94
N TYR F 87 -1.05 19.69 -7.23
CA TYR F 87 -2.04 20.59 -6.67
C TYR F 87 -3.10 19.81 -5.91
N TYR F 88 -3.38 20.23 -4.68
CA TYR F 88 -4.31 19.54 -3.81
C TYR F 88 -5.42 20.49 -3.37
N CYS F 89 -6.67 20.06 -3.49
CA CYS F 89 -7.79 20.76 -2.88
C CYS F 89 -8.14 20.06 -1.57
N ALA F 90 -8.45 20.86 -0.55
CA ALA F 90 -8.73 20.36 0.79
C ALA F 90 -9.95 21.07 1.34
N ALA F 91 -10.66 20.38 2.24
CA ALA F 91 -11.83 20.96 2.86
C ALA F 91 -12.17 20.17 4.12
N TRP F 92 -12.91 20.81 5.01
CA TRP F 92 -13.38 20.12 6.21
C TRP F 92 -14.64 19.32 5.87
N ASP F 93 -14.78 18.17 6.52
CA ASP F 93 -15.91 17.28 6.33
C ASP F 93 -16.57 17.02 7.68
N ASP F 94 -17.87 17.27 7.75
CA ASP F 94 -18.61 17.15 9.01
C ASP F 94 -19.07 15.73 9.28
N SER F 95 -19.32 14.94 8.23
CA SER F 95 -19.64 13.53 8.43
C SER F 95 -18.42 12.77 8.94
N LEU F 96 -17.26 13.00 8.30
CA LEU F 96 -16.01 12.43 8.78
C LEU F 96 -15.43 13.19 9.96
N LYS F 97 -15.84 14.45 10.15
CA LYS F 97 -15.34 15.30 11.22
C LYS F 97 -13.82 15.44 11.15
N GLY F 98 -13.36 15.90 9.99
CA GLY F 98 -11.92 16.05 9.80
C GLY F 98 -11.61 16.62 8.42
N ALA F 99 -10.34 16.94 8.23
CA ALA F 99 -9.89 17.51 6.97
C ALA F 99 -9.68 16.42 5.93
N VAL F 100 -10.16 16.67 4.71
CA VAL F 100 -10.00 15.75 3.60
C VAL F 100 -9.31 16.49 2.46
N PHE F 101 -8.52 15.75 1.69
CA PHE F 101 -7.76 16.27 0.56
C PHE F 101 -8.18 15.56 -0.72
N GLY F 102 -7.92 16.21 -1.85
CA GLY F 102 -8.13 15.57 -3.13
C GLY F 102 -6.99 14.63 -3.48
N GLY F 103 -7.21 13.84 -4.53
CA GLY F 103 -6.18 12.92 -4.98
C GLY F 103 -4.93 13.60 -5.50
N GLY F 104 -5.04 14.88 -5.87
CA GLY F 104 -3.89 15.61 -6.37
C GLY F 104 -3.80 15.61 -7.88
N THR F 105 -3.51 16.76 -8.47
CA THR F 105 -3.37 16.89 -9.91
C THR F 105 -1.93 17.25 -10.24
N GLN F 106 -1.32 16.48 -11.14
CA GLN F 106 0.05 16.73 -11.58
C GLN F 106 -0.01 17.64 -12.80
N LEU F 107 0.14 18.94 -12.58
CA LEU F 107 0.22 19.91 -13.67
C LEU F 107 1.59 19.80 -14.32
N THR F 108 1.61 19.36 -15.57
CA THR F 108 2.82 19.25 -16.38
C THR F 108 2.78 20.31 -17.47
N VAL F 109 3.85 21.08 -17.59
CA VAL F 109 3.94 22.16 -18.58
C VAL F 109 4.80 21.64 -19.73
N LEU F 110 4.15 21.29 -20.83
CA LEU F 110 4.86 20.80 -22.01
C LEU F 110 5.31 21.97 -22.87
N GLY F 111 6.32 21.72 -23.70
CA GLY F 111 6.88 22.75 -24.53
C GLY F 111 8.38 22.64 -24.70
N GLN F 112 9.04 21.93 -23.77
CA GLN F 112 10.46 21.64 -23.94
C GLN F 112 10.64 20.54 -24.99
N PRO F 113 11.64 20.67 -25.87
CA PRO F 113 11.76 19.72 -26.99
C PRO F 113 12.02 18.31 -26.51
N LYS F 114 11.58 17.35 -27.32
CA LYS F 114 11.79 15.93 -27.03
C LYS F 114 13.28 15.60 -27.10
N ALA F 115 13.72 14.69 -26.21
CA ALA F 115 15.11 14.27 -26.15
C ALA F 115 15.18 12.75 -26.08
N ALA F 116 15.99 12.16 -26.95
CA ALA F 116 16.20 10.72 -26.94
C ALA F 116 17.13 10.32 -25.80
N PRO F 117 16.93 9.16 -25.19
CA PRO F 117 17.70 8.79 -24.00
C PRO F 117 19.11 8.34 -24.34
N SER F 118 20.06 8.75 -23.50
CA SER F 118 21.44 8.29 -23.58
C SER F 118 21.63 7.11 -22.63
N VAL F 119 22.13 6.00 -23.16
CA VAL F 119 22.16 4.72 -22.47
C VAL F 119 23.60 4.28 -22.28
N THR F 120 23.92 3.81 -21.09
CA THR F 120 25.23 3.27 -20.76
C THR F 120 25.06 1.95 -20.02
N LEU F 121 25.60 0.88 -20.57
CA LEU F 121 25.50 -0.45 -19.97
C LEU F 121 26.86 -0.86 -19.43
N PHE F 122 26.91 -1.21 -18.14
CA PHE F 122 28.10 -1.70 -17.49
C PHE F 122 27.94 -3.15 -17.11
N PRO F 123 28.87 -4.01 -17.50
CA PRO F 123 28.85 -5.41 -17.07
C PRO F 123 29.34 -5.53 -15.65
N PRO F 124 29.24 -6.71 -15.02
CA PRO F 124 29.72 -6.86 -13.66
C PRO F 124 31.24 -6.78 -13.59
N SER F 125 31.73 -6.25 -12.47
CA SER F 125 33.16 -6.12 -12.26
C SER F 125 33.77 -7.46 -11.86
N SER F 126 35.10 -7.55 -11.99
CA SER F 126 35.80 -8.74 -11.51
C SER F 126 35.71 -8.85 -9.99
N GLU F 127 35.68 -7.72 -9.28
CA GLU F 127 35.51 -7.75 -7.84
C GLU F 127 34.21 -8.43 -7.46
N GLU F 128 33.10 -7.99 -8.06
CA GLU F 128 31.80 -8.58 -7.75
C GLU F 128 31.72 -10.03 -8.22
N LEU F 129 32.35 -10.35 -9.36
CA LEU F 129 32.36 -11.73 -9.84
C LEU F 129 33.07 -12.65 -8.86
N GLN F 130 34.17 -12.16 -8.26
CA GLN F 130 34.86 -12.95 -7.24
C GLN F 130 34.17 -12.89 -5.89
N ALA F 131 33.20 -11.99 -5.71
CA ALA F 131 32.31 -12.02 -4.56
C ALA F 131 31.06 -12.87 -4.82
N ASN F 132 31.05 -13.61 -5.93
CA ASN F 132 29.98 -14.54 -6.29
C ASN F 132 28.66 -13.81 -6.55
N LYS F 133 28.76 -12.65 -7.21
CA LYS F 133 27.59 -11.88 -7.62
C LYS F 133 27.85 -11.27 -8.99
N ALA F 134 26.77 -11.00 -9.72
CA ALA F 134 26.86 -10.32 -11.00
C ALA F 134 25.74 -9.31 -11.09
N THR F 135 26.06 -8.09 -11.50
CA THR F 135 25.07 -7.03 -11.60
C THR F 135 25.34 -6.24 -12.88
N LEU F 136 24.40 -6.29 -13.82
CA LEU F 136 24.43 -5.43 -14.99
C LEU F 136 23.75 -4.11 -14.64
N VAL F 137 24.39 -3.00 -15.00
CA VAL F 137 23.89 -1.68 -14.65
C VAL F 137 23.58 -0.91 -15.93
N CYS F 138 22.31 -0.57 -16.14
CA CYS F 138 21.87 0.18 -17.31
C CYS F 138 21.46 1.57 -16.85
N LEU F 139 22.22 2.59 -17.24
CA LEU F 139 21.97 3.96 -16.85
C LEU F 139 21.40 4.74 -18.03
N ILE F 140 20.25 5.37 -17.83
CA ILE F 140 19.53 6.12 -18.86
C ILE F 140 19.46 7.56 -18.41
N SER F 141 19.83 8.49 -19.29
CA SER F 141 19.88 9.90 -18.90
C SER F 141 19.46 10.80 -20.06
N ASP F 142 19.02 12.01 -19.69
CA ASP F 142 18.83 13.11 -20.64
C ASP F 142 17.74 12.78 -21.67
N PHE F 143 16.58 12.40 -21.16
CA PHE F 143 15.42 12.15 -22.01
C PHE F 143 14.23 12.96 -21.50
N TYR F 144 13.37 13.35 -22.44
CA TYR F 144 12.17 14.12 -22.17
C TYR F 144 11.13 13.66 -23.18
N PRO F 145 9.91 13.32 -22.75
CA PRO F 145 9.43 13.32 -21.36
C PRO F 145 9.94 12.13 -20.51
N GLY F 146 9.63 12.15 -19.22
CA GLY F 146 10.08 11.10 -18.32
C GLY F 146 9.18 9.87 -18.36
N ALA F 147 9.23 9.14 -19.48
CA ALA F 147 8.40 7.94 -19.63
C ALA F 147 9.18 6.95 -20.50
N VAL F 148 9.87 6.02 -19.84
CA VAL F 148 10.67 5.02 -20.54
C VAL F 148 10.28 3.63 -20.03
N THR F 149 10.49 2.63 -20.89
CA THR F 149 10.30 1.23 -20.51
C THR F 149 11.61 0.50 -20.74
N VAL F 150 12.05 -0.25 -19.73
CA VAL F 150 13.31 -0.96 -19.77
C VAL F 150 13.04 -2.45 -19.84
N ALA F 151 13.76 -3.15 -20.72
CA ALA F 151 13.63 -4.59 -20.88
C ALA F 151 15.01 -5.22 -20.98
N TRP F 152 15.17 -6.37 -20.35
CA TRP F 152 16.44 -7.08 -20.35
C TRP F 152 16.33 -8.35 -21.17
N LYS F 153 17.44 -8.76 -21.78
CA LYS F 153 17.38 -9.85 -22.73
C LYS F 153 18.63 -10.71 -22.62
N ALA F 154 18.45 -12.04 -22.62
CA ALA F 154 19.52 -13.04 -22.63
C ALA F 154 19.56 -13.68 -24.02
N ASP F 155 20.42 -13.11 -24.87
CA ASP F 155 20.83 -13.58 -26.19
C ASP F 155 19.72 -13.49 -27.22
N SER F 156 18.46 -13.65 -26.80
CA SER F 156 17.34 -13.13 -27.54
C SER F 156 16.13 -12.99 -26.61
N SER F 157 16.26 -13.49 -25.38
CA SER F 157 15.08 -13.88 -24.60
C SER F 157 14.75 -12.85 -23.53
N PRO F 158 13.50 -12.46 -23.37
CA PRO F 158 13.14 -11.54 -22.29
C PRO F 158 13.45 -12.15 -20.93
N VAL F 159 14.07 -11.34 -20.08
CA VAL F 159 14.45 -11.75 -18.73
C VAL F 159 13.89 -10.71 -17.77
N LYS F 160 12.96 -11.14 -16.91
CA LYS F 160 12.35 -10.24 -15.95
C LYS F 160 12.68 -10.60 -14.50
N ALA F 161 13.48 -11.64 -14.28
CA ALA F 161 13.84 -12.07 -12.93
C ALA F 161 15.11 -11.34 -12.49
N GLY F 162 15.06 -10.75 -11.30
CA GLY F 162 16.20 -10.05 -10.76
C GLY F 162 16.40 -8.65 -11.32
N VAL F 163 15.34 -8.01 -11.80
CA VAL F 163 15.42 -6.69 -12.39
C VAL F 163 14.87 -5.67 -11.40
N GLU F 164 15.61 -4.58 -11.21
CA GLU F 164 15.18 -3.47 -10.37
C GLU F 164 15.29 -2.18 -11.17
N THR F 165 14.16 -1.54 -11.44
CA THR F 165 14.11 -0.30 -12.22
C THR F 165 13.64 0.84 -11.34
N THR F 166 14.18 2.03 -11.60
CA THR F 166 13.78 3.23 -10.86
C THR F 166 12.70 3.99 -11.64
N THR F 167 12.08 4.93 -10.94
CA THR F 167 11.15 5.83 -11.62
C THR F 167 11.90 7.06 -12.14
N PRO F 168 11.56 7.54 -13.33
CA PRO F 168 12.26 8.72 -13.87
C PRO F 168 12.07 9.95 -13.00
N SER F 169 13.17 10.66 -12.75
CA SER F 169 13.18 11.87 -11.95
C SER F 169 14.01 12.93 -12.65
N LYS F 170 13.67 14.19 -12.41
CA LYS F 170 14.27 15.28 -13.17
C LYS F 170 15.73 15.49 -12.82
N GLN F 171 16.56 15.71 -13.83
CA GLN F 171 17.92 16.08 -13.54
C GLN F 171 17.99 17.58 -13.25
N SER F 172 19.20 18.06 -12.93
CA SER F 172 19.39 19.48 -12.72
C SER F 172 19.06 20.31 -13.95
N ASN F 173 19.31 19.78 -15.15
CA ASN F 173 19.03 20.50 -16.38
C ASN F 173 17.63 20.28 -16.89
N ASN F 174 16.72 19.79 -16.04
CA ASN F 174 15.29 19.68 -16.36
C ASN F 174 14.99 18.56 -17.35
N LYS F 175 15.88 17.61 -17.48
CA LYS F 175 15.64 16.35 -18.18
C LYS F 175 15.50 15.24 -17.17
N TYR F 176 15.19 14.03 -17.64
CA TYR F 176 14.92 12.90 -16.77
C TYR F 176 16.02 11.85 -16.89
N ALA F 177 16.18 11.09 -15.79
CA ALA F 177 17.17 10.02 -15.71
C ALA F 177 16.57 8.85 -14.95
N ALA F 178 17.08 7.66 -15.22
CA ALA F 178 16.62 6.44 -14.56
C ALA F 178 17.72 5.41 -14.65
N SER F 179 17.57 4.34 -13.88
CA SER F 179 18.57 3.27 -13.86
C SER F 179 17.87 1.94 -13.66
N SER F 180 18.49 0.88 -14.19
CA SER F 180 17.99 -0.47 -14.04
C SER F 180 19.15 -1.39 -13.71
N TYR F 181 18.89 -2.37 -12.84
CA TYR F 181 19.92 -3.28 -12.36
C TYR F 181 19.43 -4.71 -12.56
N LEU F 182 20.20 -5.51 -13.28
CA LEU F 182 19.88 -6.91 -13.51
C LEU F 182 20.83 -7.77 -12.67
N SER F 183 20.27 -8.52 -11.72
CA SER F 183 21.06 -9.35 -10.83
C SER F 183 21.12 -10.77 -11.37
N LEU F 184 22.34 -11.29 -11.50
CA LEU F 184 22.59 -12.62 -12.04
C LEU F 184 23.65 -13.32 -11.20
N THR F 185 23.55 -14.65 -11.15
CA THR F 185 24.63 -15.45 -10.59
C THR F 185 25.78 -15.49 -11.58
N PRO F 186 27.02 -15.63 -11.11
CA PRO F 186 28.17 -15.67 -12.02
C PRO F 186 28.05 -16.74 -13.10
N GLU F 187 27.43 -17.88 -12.80
CA GLU F 187 27.27 -18.92 -13.81
C GLU F 187 26.28 -18.50 -14.89
N GLN F 188 25.23 -17.76 -14.53
CA GLN F 188 24.31 -17.25 -15.54
C GLN F 188 24.99 -16.22 -16.43
N TRP F 189 25.90 -15.43 -15.85
CA TRP F 189 26.63 -14.43 -16.64
C TRP F 189 27.63 -15.11 -17.58
N LYS F 190 28.34 -16.13 -17.09
CA LYS F 190 29.37 -16.77 -17.90
C LYS F 190 28.77 -17.71 -18.95
N SER F 191 27.58 -18.27 -18.70
CA SER F 191 27.01 -19.29 -19.56
C SER F 191 26.06 -18.74 -20.59
N HIS F 192 26.03 -17.42 -20.79
CA HIS F 192 25.18 -16.82 -21.81
C HIS F 192 26.04 -16.06 -22.81
N ARG F 193 25.54 -16.02 -24.05
CA ARG F 193 26.28 -15.40 -25.13
C ARG F 193 26.43 -13.89 -24.91
N SER F 194 25.34 -13.22 -24.55
CA SER F 194 25.37 -11.78 -24.27
C SER F 194 24.13 -11.40 -23.50
N TYR F 195 24.14 -10.19 -22.94
CA TYR F 195 22.99 -9.61 -22.28
C TYR F 195 22.73 -8.23 -22.87
N SER F 196 21.44 -7.85 -22.90
CA SER F 196 21.02 -6.64 -23.59
C SER F 196 20.04 -5.85 -22.74
N CYS F 197 20.18 -4.53 -22.80
CA CYS F 197 19.27 -3.58 -22.15
C CYS F 197 18.63 -2.72 -23.23
N GLN F 198 17.31 -2.81 -23.35
CA GLN F 198 16.55 -2.03 -24.32
C GLN F 198 15.71 -1.00 -23.57
N VAL F 199 15.87 0.27 -23.91
CA VAL F 199 15.03 1.33 -23.37
C VAL F 199 14.20 1.87 -24.51
N THR F 200 12.88 1.85 -24.33
CA THR F 200 11.94 2.40 -25.29
C THR F 200 11.38 3.71 -24.73
N HIS F 201 11.37 4.74 -25.56
CA HIS F 201 10.98 6.09 -25.17
C HIS F 201 10.21 6.73 -26.32
N GLU F 202 8.89 6.85 -26.15
CA GLU F 202 8.02 7.53 -27.12
C GLU F 202 8.25 7.02 -28.54
N GLY F 203 8.46 5.71 -28.68
CA GLY F 203 8.68 5.13 -29.99
C GLY F 203 10.10 4.67 -30.24
N SER F 204 11.08 5.42 -29.77
CA SER F 204 12.47 5.03 -29.98
C SER F 204 12.82 3.82 -29.11
N THR F 205 13.77 3.03 -29.58
CA THR F 205 14.25 1.86 -28.83
C THR F 205 15.77 1.81 -28.94
N VAL F 206 16.46 2.27 -27.90
CA VAL F 206 17.91 2.23 -27.85
C VAL F 206 18.33 0.99 -27.07
N GLU F 207 19.20 0.18 -27.67
CA GLU F 207 19.58 -1.11 -27.11
C GLU F 207 21.09 -1.20 -26.98
N LYS F 208 21.56 -1.53 -25.78
CA LYS F 208 22.97 -1.76 -25.53
C LYS F 208 23.21 -3.22 -25.14
N THR F 209 24.43 -3.68 -25.38
CA THR F 209 24.76 -5.10 -25.24
C THR F 209 26.13 -5.26 -24.60
N VAL F 210 26.23 -6.22 -23.68
CA VAL F 210 27.51 -6.60 -23.07
C VAL F 210 27.64 -8.11 -23.13
N ALA F 211 28.87 -8.59 -22.95
CA ALA F 211 29.16 -10.01 -23.02
C ALA F 211 30.36 -10.31 -22.13
N PRO F 212 30.51 -11.54 -21.66
CA PRO F 212 31.67 -11.88 -20.82
C PRO F 212 32.98 -11.66 -21.55
N THR F 213 33.90 -10.95 -20.89
CA THR F 213 35.23 -10.62 -21.42
C THR F 213 35.14 -9.96 -22.79
#